data_2KIQ
#
_entry.id   2KIQ
#
_entity_poly.entity_id   1
_entity_poly.type   'polypeptide(L)'
_entity_poly.pdbx_seq_one_letter_code
;SHMKIMQAKEDFKKMMEEAKFNPRATFSEFAAKHAKDSRFKAIEKMKDREALFNEFVAAARK
;
_entity_poly.pdbx_strand_id   A
#
# COMPACT_ATOMS: atom_id res chain seq x y z
N ILE A 5 6.70 15.92 6.81
CA ILE A 5 7.04 16.33 5.41
C ILE A 5 6.44 15.29 4.40
N MET A 6 5.32 14.63 4.85
CA MET A 6 4.61 13.59 4.04
C MET A 6 5.65 12.56 3.46
N GLN A 7 6.87 12.49 4.08
CA GLN A 7 7.97 11.60 3.61
C GLN A 7 7.53 10.13 3.63
N ALA A 8 6.93 9.72 4.77
CA ALA A 8 6.43 8.33 4.93
C ALA A 8 5.32 8.04 3.89
N LYS A 9 4.41 9.02 3.70
CA LYS A 9 3.29 8.88 2.73
C LYS A 9 3.82 8.83 1.27
N GLU A 10 4.78 9.70 0.93
CA GLU A 10 5.39 9.74 -0.43
C GLU A 10 6.17 8.43 -0.71
N ASP A 11 6.89 7.94 0.32
CA ASP A 11 7.66 6.66 0.22
C ASP A 11 6.69 5.48 -0.05
N PHE A 12 5.51 5.52 0.62
CA PHE A 12 4.47 4.47 0.44
C PHE A 12 3.95 4.46 -1.04
N LYS A 13 3.61 5.66 -1.59
CA LYS A 13 3.09 5.78 -2.99
C LYS A 13 4.14 5.30 -4.00
N LYS A 14 5.41 5.70 -3.76
CA LYS A 14 6.55 5.32 -4.65
C LYS A 14 6.69 3.79 -4.68
N MET A 15 6.52 3.15 -3.51
CA MET A 15 6.61 1.68 -3.44
C MET A 15 5.43 1.02 -4.23
N MET A 16 4.19 1.56 -4.04
CA MET A 16 2.95 1.01 -4.69
C MET A 16 3.00 1.14 -6.25
N GLU A 17 3.45 2.30 -6.77
CA GLU A 17 3.52 2.53 -8.24
C GLU A 17 4.66 1.65 -8.86
N GLU A 18 5.71 1.37 -8.02
CA GLU A 18 6.91 0.54 -8.45
C GLU A 18 6.68 -0.96 -8.13
N ALA A 19 5.71 -1.27 -7.22
CA ALA A 19 5.40 -2.67 -6.81
C ALA A 19 4.31 -3.27 -7.72
N LYS A 20 3.99 -2.56 -8.88
CA LYS A 20 2.85 -2.98 -9.80
C LYS A 20 2.59 -4.48 -9.64
N PHE A 21 1.38 -4.80 -9.15
CA PHE A 21 0.94 -6.16 -8.84
C PHE A 21 -0.45 -6.38 -9.43
N ASN A 22 -0.93 -7.63 -9.38
CA ASN A 22 -2.26 -7.99 -9.92
C ASN A 22 -3.38 -6.98 -9.36
N PRO A 23 -4.14 -6.24 -10.24
CA PRO A 23 -5.18 -5.22 -9.74
C PRO A 23 -6.38 -5.90 -9.06
N ARG A 24 -6.52 -7.24 -9.28
CA ARG A 24 -7.66 -8.03 -8.71
C ARG A 24 -7.30 -8.62 -7.34
N ALA A 25 -6.02 -8.42 -6.91
CA ALA A 25 -5.57 -8.89 -5.57
C ALA A 25 -6.22 -8.00 -4.51
N THR A 26 -6.40 -8.56 -3.31
CA THR A 26 -7.03 -7.84 -2.18
C THR A 26 -5.92 -7.30 -1.26
N PHE A 27 -6.31 -6.42 -0.32
CA PHE A 27 -5.36 -5.83 0.64
C PHE A 27 -4.70 -6.94 1.52
N SER A 28 -5.50 -7.90 1.99
CA SER A 28 -5.00 -9.00 2.85
C SER A 28 -3.86 -9.80 2.13
N GLU A 29 -4.04 -10.06 0.83
CA GLU A 29 -3.02 -10.79 0.02
C GLU A 29 -1.76 -9.92 -0.22
N PHE A 30 -1.99 -8.64 -0.58
CA PHE A 30 -0.88 -7.67 -0.82
C PHE A 30 -0.09 -7.37 0.48
N ALA A 31 -0.85 -7.14 1.57
CA ALA A 31 -0.29 -6.81 2.90
C ALA A 31 0.49 -8.02 3.45
N ALA A 32 -0.04 -9.23 3.24
CA ALA A 32 0.62 -10.49 3.69
C ALA A 32 2.02 -10.61 3.05
N LYS A 33 2.13 -10.18 1.77
CA LYS A 33 3.42 -10.23 1.05
C LYS A 33 4.41 -9.13 1.57
N HIS A 34 3.89 -7.89 1.79
CA HIS A 34 4.72 -6.72 2.25
C HIS A 34 4.66 -6.57 3.79
N ALA A 35 3.93 -7.49 4.47
CA ALA A 35 3.75 -7.44 5.95
C ALA A 35 5.11 -7.33 6.66
N LYS A 36 6.13 -8.00 6.09
CA LYS A 36 7.49 -8.00 6.67
C LYS A 36 8.25 -6.71 6.33
N ASP A 37 7.70 -5.91 5.36
CA ASP A 37 8.34 -4.63 4.93
C ASP A 37 8.30 -3.63 6.12
N SER A 38 9.42 -2.91 6.34
CA SER A 38 9.56 -1.94 7.45
C SER A 38 8.52 -0.77 7.32
N ARG A 39 8.23 -0.42 6.07
CA ARG A 39 7.26 0.66 5.74
C ARG A 39 5.82 0.27 6.11
N PHE A 40 5.54 -1.05 6.16
CA PHE A 40 4.19 -1.54 6.49
C PHE A 40 3.83 -1.24 7.98
N LYS A 41 4.74 -1.66 8.90
CA LYS A 41 4.54 -1.49 10.37
C LYS A 41 4.76 -0.02 10.78
N ALA A 42 5.39 0.79 9.88
CA ALA A 42 5.66 2.23 10.15
C ALA A 42 4.35 2.99 10.31
N ILE A 43 3.32 2.59 9.54
CA ILE A 43 2.00 3.21 9.63
C ILE A 43 1.20 2.46 10.72
N GLU A 44 0.80 3.19 11.77
CA GLU A 44 0.01 2.65 12.91
C GLU A 44 -1.44 2.33 12.47
N LYS A 45 -2.05 3.27 11.68
CA LYS A 45 -3.47 3.14 11.23
C LYS A 45 -3.60 2.20 10.01
N MET A 46 -4.24 1.04 10.25
CA MET A 46 -4.53 0.01 9.22
C MET A 46 -5.56 0.58 8.20
N LYS A 47 -6.48 1.43 8.71
CA LYS A 47 -7.56 2.05 7.90
C LYS A 47 -6.98 2.93 6.77
N ASP A 48 -5.88 3.68 7.09
CA ASP A 48 -5.21 4.57 6.10
C ASP A 48 -4.59 3.70 4.95
N ARG A 49 -3.99 2.56 5.32
CA ARG A 49 -3.41 1.60 4.32
C ARG A 49 -4.53 1.00 3.45
N GLU A 50 -5.66 0.61 4.11
CA GLU A 50 -6.82 0.03 3.38
C GLU A 50 -7.43 1.10 2.42
N ALA A 51 -7.55 2.36 2.91
CA ALA A 51 -8.11 3.48 2.11
C ALA A 51 -7.23 3.73 0.85
N LEU A 52 -5.89 3.76 1.05
CA LEU A 52 -4.91 3.97 -0.04
C LEU A 52 -4.97 2.80 -1.05
N PHE A 53 -5.07 1.57 -0.52
CA PHE A 53 -5.12 0.35 -1.36
C PHE A 53 -6.35 0.40 -2.30
N ASN A 54 -7.52 0.73 -1.71
CA ASN A 54 -8.80 0.82 -2.47
C ASN A 54 -8.68 1.95 -3.53
N GLU A 55 -8.07 3.09 -3.12
CA GLU A 55 -7.87 4.25 -4.03
C GLU A 55 -6.86 3.89 -5.14
N PHE A 56 -5.78 3.16 -4.76
CA PHE A 56 -4.71 2.78 -5.72
C PHE A 56 -5.29 1.87 -6.84
N VAL A 57 -6.05 0.83 -6.44
CA VAL A 57 -6.67 -0.11 -7.41
C VAL A 57 -7.67 0.64 -8.32
N ALA A 58 -8.51 1.50 -7.69
CA ALA A 58 -9.53 2.28 -8.42
C ALA A 58 -8.86 3.31 -9.36
N ALA A 59 -7.76 3.95 -8.87
CA ALA A 59 -6.99 4.95 -9.66
C ALA A 59 -6.15 4.26 -10.78
N ALA A 60 -5.52 3.10 -10.44
CA ALA A 60 -4.65 2.36 -11.40
C ALA A 60 -5.48 1.80 -12.58
N ARG A 61 -6.71 1.28 -12.26
CA ARG A 61 -7.60 0.71 -13.30
C ARG A 61 -8.20 1.83 -14.19
N ILE A 5 7.50 16.05 6.57
CA ILE A 5 7.37 16.43 5.13
C ILE A 5 6.57 15.32 4.39
N MET A 6 5.56 14.73 5.10
CA MET A 6 4.69 13.63 4.54
C MET A 6 5.56 12.58 3.76
N GLN A 7 6.87 12.47 4.16
CA GLN A 7 7.86 11.56 3.50
C GLN A 7 7.37 10.10 3.52
N ALA A 8 6.76 9.69 4.66
CA ALA A 8 6.23 8.32 4.81
C ALA A 8 5.15 8.05 3.73
N LYS A 9 4.22 9.04 3.54
CA LYS A 9 3.12 8.92 2.54
C LYS A 9 3.67 8.88 1.08
N GLU A 10 4.67 9.76 0.78
CA GLU A 10 5.30 9.82 -0.58
C GLU A 10 6.03 8.48 -0.87
N ASP A 11 6.73 7.98 0.15
CA ASP A 11 7.47 6.68 0.06
C ASP A 11 6.44 5.53 -0.19
N PHE A 12 5.25 5.63 0.45
CA PHE A 12 4.17 4.62 0.30
C PHE A 12 3.64 4.53 -1.17
N LYS A 13 3.32 5.72 -1.78
CA LYS A 13 2.82 5.80 -3.17
C LYS A 13 3.88 5.29 -4.18
N LYS A 14 5.16 5.70 -3.93
CA LYS A 14 6.31 5.31 -4.78
C LYS A 14 6.45 3.79 -4.76
N MET A 15 6.28 3.18 -3.58
CA MET A 15 6.37 1.72 -3.47
C MET A 15 5.20 1.04 -4.25
N MET A 16 3.96 1.57 -4.09
CA MET A 16 2.73 0.99 -4.76
C MET A 16 2.80 1.06 -6.32
N GLU A 17 3.26 2.21 -6.88
CA GLU A 17 3.35 2.36 -8.37
C GLU A 17 4.49 1.45 -8.94
N GLU A 18 5.63 1.38 -8.16
CA GLU A 18 6.83 0.55 -8.53
C GLU A 18 6.60 -0.95 -8.20
N ALA A 19 5.71 -1.25 -7.21
CA ALA A 19 5.40 -2.65 -6.79
C ALA A 19 4.31 -3.23 -7.69
N LYS A 20 3.97 -2.49 -8.82
CA LYS A 20 2.82 -2.86 -9.73
C LYS A 20 2.56 -4.37 -9.62
N PHE A 21 1.35 -4.71 -9.12
CA PHE A 21 0.94 -6.10 -8.84
C PHE A 21 -0.47 -6.31 -9.40
N ASN A 22 -0.93 -7.57 -9.38
CA ASN A 22 -2.29 -7.93 -9.89
C ASN A 22 -3.40 -6.93 -9.31
N PRO A 23 -4.20 -6.19 -10.17
CA PRO A 23 -5.23 -5.19 -9.64
C PRO A 23 -6.42 -5.89 -8.93
N ARG A 24 -6.55 -7.22 -9.16
CA ARG A 24 -7.67 -8.02 -8.55
C ARG A 24 -7.26 -8.58 -7.18
N ALA A 25 -5.96 -8.42 -6.80
CA ALA A 25 -5.47 -8.88 -5.48
C ALA A 25 -6.10 -7.96 -4.42
N THR A 26 -6.31 -8.50 -3.21
CA THR A 26 -6.89 -7.76 -2.08
C THR A 26 -5.76 -7.22 -1.20
N PHE A 27 -6.13 -6.35 -0.25
CA PHE A 27 -5.18 -5.76 0.72
C PHE A 27 -4.52 -6.88 1.58
N SER A 28 -5.32 -7.84 2.04
CA SER A 28 -4.84 -8.95 2.90
C SER A 28 -3.70 -9.74 2.18
N GLU A 29 -3.88 -10.01 0.87
CA GLU A 29 -2.85 -10.74 0.07
C GLU A 29 -1.59 -9.85 -0.13
N PHE A 30 -1.81 -8.55 -0.49
CA PHE A 30 -0.69 -7.59 -0.71
C PHE A 30 0.08 -7.32 0.61
N ALA A 31 -0.68 -7.12 1.69
CA ALA A 31 -0.13 -6.84 3.03
C ALA A 31 0.65 -8.05 3.56
N ALA A 32 0.14 -9.26 3.29
CA ALA A 32 0.80 -10.53 3.74
C ALA A 32 2.23 -10.64 3.10
N LYS A 33 2.36 -10.22 1.83
CA LYS A 33 3.66 -10.21 1.11
C LYS A 33 4.63 -9.14 1.68
N HIS A 34 4.08 -7.93 1.98
CA HIS A 34 4.89 -6.78 2.49
C HIS A 34 4.82 -6.70 4.03
N ALA A 35 4.07 -7.64 4.66
CA ALA A 35 3.84 -7.64 6.14
C ALA A 35 5.19 -7.54 6.89
N LYS A 36 6.22 -8.22 6.34
CA LYS A 36 7.57 -8.23 6.97
C LYS A 36 8.35 -6.95 6.59
N ASP A 37 7.82 -6.15 5.62
CA ASP A 37 8.49 -4.88 5.18
C ASP A 37 8.48 -3.86 6.35
N SER A 38 9.59 -3.12 6.51
CA SER A 38 9.74 -2.10 7.58
C SER A 38 8.67 -0.98 7.43
N ARG A 39 8.35 -0.65 6.17
CA ARG A 39 7.34 0.39 5.80
C ARG A 39 5.90 -0.03 6.18
N PHE A 40 5.64 -1.36 6.21
CA PHE A 40 4.28 -1.88 6.58
C PHE A 40 3.94 -1.55 8.08
N LYS A 41 4.89 -1.90 8.98
CA LYS A 41 4.73 -1.70 10.45
C LYS A 41 4.93 -0.21 10.83
N ALA A 42 5.51 0.58 9.91
CA ALA A 42 5.75 2.04 10.12
C ALA A 42 4.41 2.77 10.26
N ILE A 43 3.39 2.28 9.52
CA ILE A 43 2.03 2.86 9.57
C ILE A 43 1.26 2.14 10.71
N GLU A 44 0.91 2.90 11.78
CA GLU A 44 0.18 2.38 12.96
C GLU A 44 -1.29 2.04 12.61
N LYS A 45 -1.93 2.96 11.84
CA LYS A 45 -3.35 2.81 11.44
C LYS A 45 -3.45 1.90 10.20
N MET A 46 -4.30 0.86 10.30
CA MET A 46 -4.53 -0.10 9.19
C MET A 46 -5.67 0.45 8.28
N LYS A 47 -6.58 1.26 8.90
CA LYS A 47 -7.74 1.88 8.19
C LYS A 47 -7.25 2.85 7.08
N ASP A 48 -6.18 3.61 7.38
CA ASP A 48 -5.60 4.58 6.41
C ASP A 48 -5.00 3.82 5.19
N ARG A 49 -4.45 2.61 5.44
CA ARG A 49 -3.86 1.78 4.35
C ARG A 49 -4.96 1.35 3.34
N GLU A 50 -6.18 1.00 3.89
CA GLU A 50 -7.33 0.57 3.05
C GLU A 50 -7.70 1.70 2.07
N ALA A 51 -7.73 2.96 2.59
CA ALA A 51 -8.09 4.14 1.75
C ALA A 51 -7.14 4.25 0.53
N LEU A 52 -5.79 4.22 0.79
CA LEU A 52 -4.76 4.27 -0.30
C LEU A 52 -4.86 3.05 -1.22
N PHE A 53 -5.01 1.84 -0.62
CA PHE A 53 -5.09 0.57 -1.40
C PHE A 53 -6.30 0.62 -2.36
N ASN A 54 -7.46 0.99 -1.80
CA ASN A 54 -8.73 1.10 -2.58
C ASN A 54 -8.58 2.20 -3.67
N GLU A 55 -7.93 3.34 -3.29
CA GLU A 55 -7.71 4.47 -4.23
C GLU A 55 -6.71 4.06 -5.33
N PHE A 56 -5.63 3.33 -4.92
CA PHE A 56 -4.57 2.88 -5.86
C PHE A 56 -5.14 1.94 -6.95
N VAL A 57 -5.91 0.92 -6.52
CA VAL A 57 -6.54 -0.07 -7.45
C VAL A 57 -7.56 0.65 -8.35
N ALA A 58 -8.39 1.53 -7.74
CA ALA A 58 -9.43 2.28 -8.47
C ALA A 58 -8.78 3.29 -9.47
N ALA A 59 -7.68 3.95 -9.02
CA ALA A 59 -6.93 4.94 -9.87
C ALA A 59 -6.13 4.21 -10.97
N ALA A 60 -5.50 3.05 -10.61
CA ALA A 60 -4.66 2.26 -11.56
C ALA A 60 -5.51 1.67 -12.72
N ARG A 61 -6.75 1.18 -12.39
CA ARG A 61 -7.66 0.58 -13.40
C ARG A 61 -8.22 1.68 -14.36
N ILE A 5 7.67 15.86 6.29
CA ILE A 5 7.81 16.33 4.89
C ILE A 5 7.10 15.31 3.97
N MET A 6 5.97 14.72 4.49
CA MET A 6 5.19 13.70 3.74
C MET A 6 6.13 12.63 3.14
N GLN A 7 7.36 12.52 3.72
CA GLN A 7 8.38 11.58 3.23
C GLN A 7 7.85 10.14 3.31
N ALA A 8 7.19 9.83 4.45
CA ALA A 8 6.62 8.49 4.68
C ALA A 8 5.54 8.18 3.62
N LYS A 9 4.66 9.18 3.34
CA LYS A 9 3.58 9.02 2.35
C LYS A 9 4.14 8.84 0.93
N GLU A 10 5.16 9.64 0.60
CA GLU A 10 5.81 9.57 -0.73
C GLU A 10 6.48 8.20 -0.91
N ASP A 11 7.14 7.72 0.18
CA ASP A 11 7.84 6.41 0.16
C ASP A 11 6.82 5.28 -0.07
N PHE A 12 5.65 5.41 0.59
CA PHE A 12 4.57 4.41 0.45
C PHE A 12 4.07 4.38 -1.01
N LYS A 13 3.77 5.56 -1.58
CA LYS A 13 3.27 5.69 -2.98
C LYS A 13 4.29 5.19 -3.95
N LYS A 14 5.54 5.57 -3.68
CA LYS A 14 6.65 5.19 -4.52
C LYS A 14 6.77 3.66 -4.55
N MET A 15 6.58 3.03 -3.39
CA MET A 15 6.66 1.58 -3.28
C MET A 15 5.50 0.92 -4.08
N MET A 16 4.30 1.47 -3.96
CA MET A 16 3.07 0.89 -4.61
C MET A 16 3.12 0.93 -6.15
N GLU A 17 3.57 2.06 -6.71
CA GLU A 17 3.61 2.24 -8.19
C GLU A 17 4.66 1.33 -8.85
N GLU A 18 5.84 1.25 -8.18
CA GLU A 18 7.00 0.44 -8.68
C GLU A 18 6.80 -1.05 -8.38
N ALA A 19 5.85 -1.35 -7.44
CA ALA A 19 5.56 -2.75 -7.03
C ALA A 19 4.45 -3.31 -7.89
N LYS A 20 4.07 -2.55 -8.97
CA LYS A 20 2.93 -2.91 -9.83
C LYS A 20 2.65 -4.41 -9.71
N PHE A 21 1.44 -4.75 -9.23
CA PHE A 21 1.04 -6.15 -8.98
C PHE A 21 -0.35 -6.37 -9.51
N ASN A 22 -0.80 -7.64 -9.47
CA ASN A 22 -2.13 -8.02 -9.96
C ASN A 22 -3.23 -7.02 -9.42
N PRO A 23 -4.00 -6.34 -10.29
CA PRO A 23 -5.04 -5.31 -9.84
C PRO A 23 -6.24 -5.97 -9.13
N ARG A 24 -6.38 -7.31 -9.31
CA ARG A 24 -7.51 -8.08 -8.71
C ARG A 24 -7.14 -8.62 -7.34
N ALA A 25 -5.88 -8.39 -6.91
CA ALA A 25 -5.43 -8.82 -5.59
C ALA A 25 -6.08 -7.90 -4.54
N THR A 26 -6.28 -8.43 -3.35
CA THR A 26 -6.89 -7.70 -2.23
C THR A 26 -5.79 -7.16 -1.34
N PHE A 27 -6.18 -6.29 -0.42
CA PHE A 27 -5.26 -5.68 0.56
C PHE A 27 -4.59 -6.77 1.44
N SER A 28 -5.39 -7.74 1.91
CA SER A 28 -4.88 -8.83 2.79
C SER A 28 -3.75 -9.61 2.09
N GLU A 29 -3.90 -9.85 0.78
CA GLU A 29 -2.87 -10.57 -0.02
C GLU A 29 -1.63 -9.69 -0.23
N PHE A 30 -1.87 -8.41 -0.56
CA PHE A 30 -0.77 -7.45 -0.79
C PHE A 30 0.04 -7.20 0.51
N ALA A 31 -0.70 -7.00 1.62
CA ALA A 31 -0.10 -6.73 2.96
C ALA A 31 0.67 -7.96 3.44
N ALA A 32 0.12 -9.17 3.17
CA ALA A 32 0.75 -10.45 3.59
C ALA A 32 2.15 -10.57 2.96
N LYS A 33 2.26 -10.15 1.70
CA LYS A 33 3.54 -10.20 0.99
C LYS A 33 4.56 -9.15 1.53
N HIS A 34 4.05 -7.91 1.78
CA HIS A 34 4.91 -6.79 2.24
C HIS A 34 4.86 -6.70 3.77
N ALA A 35 4.18 -7.67 4.42
CA ALA A 35 4.03 -7.67 5.90
C ALA A 35 5.38 -7.52 6.61
N LYS A 36 6.41 -8.19 6.05
CA LYS A 36 7.78 -8.15 6.61
C LYS A 36 8.50 -6.85 6.26
N ASP A 37 7.81 -5.96 5.52
CA ASP A 37 8.40 -4.66 5.11
C ASP A 37 8.30 -3.69 6.29
N SER A 38 9.43 -3.07 6.67
CA SER A 38 9.48 -2.11 7.80
C SER A 38 8.54 -0.90 7.55
N ARG A 39 8.27 -0.65 6.24
CA ARG A 39 7.37 0.46 5.81
C ARG A 39 5.92 0.15 6.18
N PHE A 40 5.63 -1.15 6.33
CA PHE A 40 4.27 -1.60 6.69
C PHE A 40 3.98 -1.23 8.16
N LYS A 41 4.96 -1.56 9.05
CA LYS A 41 4.86 -1.34 10.52
C LYS A 41 5.00 0.15 10.86
N ALA A 42 5.44 0.93 9.88
CA ALA A 42 5.61 2.39 10.05
C ALA A 42 4.23 3.05 10.25
N ILE A 43 3.19 2.51 9.55
CA ILE A 43 1.83 3.05 9.65
C ILE A 43 1.08 2.30 10.75
N GLU A 44 0.71 3.03 11.80
CA GLU A 44 0.01 2.48 12.97
C GLU A 44 -1.44 2.13 12.61
N LYS A 45 -2.10 3.06 11.87
CA LYS A 45 -3.51 2.89 11.48
C LYS A 45 -3.61 1.99 10.27
N MET A 46 -4.44 0.97 10.37
CA MET A 46 -4.67 0.04 9.28
C MET A 46 -5.78 0.56 8.36
N LYS A 47 -6.70 1.35 8.93
CA LYS A 47 -7.86 1.90 8.19
C LYS A 47 -7.39 2.83 7.08
N ASP A 48 -6.36 3.63 7.37
CA ASP A 48 -5.81 4.58 6.40
C ASP A 48 -5.22 3.82 5.19
N ARG A 49 -4.58 2.66 5.49
CA ARG A 49 -3.96 1.83 4.44
C ARG A 49 -5.03 1.25 3.51
N GLU A 50 -6.15 0.83 4.11
CA GLU A 50 -7.26 0.24 3.33
C GLU A 50 -7.83 1.30 2.37
N ALA A 51 -7.97 2.55 2.87
CA ALA A 51 -8.51 3.67 2.06
C ALA A 51 -7.63 3.91 0.82
N LEU A 52 -6.29 3.94 1.06
CA LEU A 52 -5.30 4.14 -0.02
C LEU A 52 -5.31 2.98 -1.02
N PHE A 53 -5.39 1.77 -0.47
CA PHE A 53 -5.40 0.56 -1.29
C PHE A 53 -6.61 0.58 -2.25
N ASN A 54 -7.78 0.91 -1.69
CA ASN A 54 -9.04 0.98 -2.48
C ASN A 54 -8.92 2.07 -3.56
N GLU A 55 -8.31 3.20 -3.17
CA GLU A 55 -8.11 4.34 -4.10
C GLU A 55 -7.11 3.96 -5.19
N PHE A 56 -6.02 3.25 -4.78
CA PHE A 56 -4.95 2.87 -5.71
C PHE A 56 -5.50 1.96 -6.82
N VAL A 57 -6.27 0.93 -6.42
CA VAL A 57 -6.87 -0.03 -7.38
C VAL A 57 -7.86 0.70 -8.30
N ALA A 58 -8.72 1.56 -7.69
CA ALA A 58 -9.74 2.32 -8.43
C ALA A 58 -9.07 3.31 -9.41
N ALA A 59 -7.98 3.96 -8.94
CA ALA A 59 -7.21 4.94 -9.76
C ALA A 59 -6.40 4.23 -10.86
N ALA A 60 -5.77 3.08 -10.50
CA ALA A 60 -4.91 2.32 -11.45
C ALA A 60 -5.74 1.77 -12.60
N ARG A 61 -6.95 1.27 -12.27
CA ARG A 61 -7.84 0.70 -13.28
C ARG A 61 -8.40 1.80 -14.22
N ILE A 5 6.66 15.98 6.46
CA ILE A 5 7.21 16.26 5.09
C ILE A 5 6.63 15.22 4.10
N MET A 6 5.50 14.56 4.52
CA MET A 6 4.82 13.52 3.71
C MET A 6 5.85 12.47 3.22
N GLN A 7 7.02 12.40 3.91
CA GLN A 7 8.11 11.49 3.51
C GLN A 7 7.64 10.03 3.59
N ALA A 8 7.02 9.69 4.75
CA ALA A 8 6.50 8.32 5.00
C ALA A 8 5.41 7.98 3.99
N LYS A 9 4.51 8.95 3.78
CA LYS A 9 3.38 8.76 2.84
C LYS A 9 3.89 8.62 1.40
N GLU A 10 4.87 9.47 1.03
CA GLU A 10 5.43 9.46 -0.34
C GLU A 10 6.14 8.12 -0.57
N ASP A 11 6.83 7.64 0.49
CA ASP A 11 7.57 6.36 0.42
C ASP A 11 6.60 5.20 0.15
N PHE A 12 5.42 5.28 0.80
CA PHE A 12 4.38 4.25 0.65
C PHE A 12 3.89 4.20 -0.83
N LYS A 13 3.54 5.38 -1.38
CA LYS A 13 3.05 5.49 -2.79
C LYS A 13 4.11 5.07 -3.76
N LYS A 14 5.31 5.51 -3.47
CA LYS A 14 6.46 5.22 -4.30
C LYS A 14 6.65 3.71 -4.40
N MET A 15 6.45 3.03 -3.28
CA MET A 15 6.61 1.57 -3.25
C MET A 15 5.48 0.89 -4.06
N MET A 16 4.23 1.38 -3.87
CA MET A 16 2.99 0.80 -4.51
C MET A 16 3.05 0.87 -6.04
N GLU A 17 3.49 2.00 -6.58
CA GLU A 17 3.57 2.20 -8.04
C GLU A 17 4.69 1.29 -8.63
N GLU A 18 5.81 1.18 -7.83
CA GLU A 18 7.02 0.37 -8.22
C GLU A 18 6.80 -1.13 -7.93
N ALA A 19 5.85 -1.44 -7.02
CA ALA A 19 5.54 -2.84 -6.63
C ALA A 19 4.47 -3.40 -7.53
N LYS A 20 4.17 -2.64 -8.65
CA LYS A 20 3.05 -2.99 -9.57
C LYS A 20 2.74 -4.49 -9.45
N PHE A 21 1.51 -4.81 -9.03
CA PHE A 21 1.09 -6.19 -8.79
C PHE A 21 -0.29 -6.39 -9.37
N ASN A 22 -0.74 -7.66 -9.34
CA ASN A 22 -2.06 -8.02 -9.87
C ASN A 22 -3.17 -7.04 -9.32
N PRO A 23 -3.93 -6.32 -10.21
CA PRO A 23 -4.98 -5.30 -9.74
C PRO A 23 -6.19 -5.98 -9.07
N ARG A 24 -6.34 -7.32 -9.30
CA ARG A 24 -7.48 -8.12 -8.76
C ARG A 24 -7.14 -8.70 -7.38
N ALA A 25 -5.89 -8.49 -6.92
CA ALA A 25 -5.47 -8.96 -5.61
C ALA A 25 -6.15 -8.04 -4.57
N THR A 26 -6.32 -8.58 -3.37
CA THR A 26 -6.95 -7.89 -2.26
C THR A 26 -5.85 -7.34 -1.35
N PHE A 27 -6.26 -6.47 -0.43
CA PHE A 27 -5.36 -5.85 0.55
C PHE A 27 -4.68 -6.92 1.45
N SER A 28 -5.47 -7.91 1.90
CA SER A 28 -4.96 -8.99 2.78
C SER A 28 -3.79 -9.76 2.09
N GLU A 29 -3.95 -10.03 0.79
CA GLU A 29 -2.91 -10.73 -0.03
C GLU A 29 -1.67 -9.84 -0.24
N PHE A 30 -1.93 -8.58 -0.59
CA PHE A 30 -0.86 -7.61 -0.83
C PHE A 30 -0.04 -7.33 0.48
N ALA A 31 -0.80 -7.10 1.59
CA ALA A 31 -0.20 -6.80 2.93
C ALA A 31 0.57 -8.01 3.45
N ALA A 32 0.02 -9.23 3.21
CA ALA A 32 0.66 -10.50 3.66
C ALA A 32 2.07 -10.63 3.06
N LYS A 33 2.19 -10.21 1.79
CA LYS A 33 3.47 -10.27 1.08
C LYS A 33 4.48 -9.20 1.61
N HIS A 34 3.97 -7.96 1.81
CA HIS A 34 4.81 -6.80 2.27
C HIS A 34 4.75 -6.66 3.79
N ALA A 35 4.05 -7.62 4.45
CA ALA A 35 3.87 -7.59 5.93
C ALA A 35 5.24 -7.41 6.62
N LYS A 36 6.28 -8.07 6.07
CA LYS A 36 7.66 -8.01 6.64
C LYS A 36 8.37 -6.75 6.19
N ASP A 37 7.79 -6.02 5.22
CA ASP A 37 8.40 -4.78 4.73
C ASP A 37 8.31 -3.71 5.85
N SER A 38 9.42 -3.01 6.11
CA SER A 38 9.49 -1.95 7.15
C SER A 38 8.52 -0.78 6.81
N ARG A 39 8.38 -0.51 5.49
CA ARG A 39 7.49 0.56 4.94
C ARG A 39 6.03 0.27 5.27
N PHE A 40 5.71 -1.01 5.42
CA PHE A 40 4.33 -1.41 5.76
C PHE A 40 4.00 -0.97 7.23
N LYS A 41 4.97 -1.27 8.15
CA LYS A 41 4.87 -0.98 9.63
C LYS A 41 4.96 0.53 9.90
N ALA A 42 5.32 1.29 8.88
CA ALA A 42 5.43 2.75 8.98
C ALA A 42 4.05 3.35 9.26
N ILE A 43 2.98 2.73 8.67
CA ILE A 43 1.59 3.20 8.85
C ILE A 43 1.07 2.55 10.15
N GLU A 44 0.62 3.41 11.08
CA GLU A 44 0.10 2.98 12.39
C GLU A 44 -1.39 2.63 12.27
N LYS A 45 -2.15 3.52 11.56
CA LYS A 45 -3.60 3.35 11.39
C LYS A 45 -3.87 2.32 10.34
N MET A 46 -4.44 1.21 10.77
CA MET A 46 -4.77 0.12 9.87
C MET A 46 -5.84 0.57 8.83
N LYS A 47 -6.80 1.37 9.30
CA LYS A 47 -7.93 1.87 8.46
C LYS A 47 -7.41 2.69 7.27
N ASP A 48 -6.35 3.46 7.54
CA ASP A 48 -5.74 4.31 6.50
C ASP A 48 -5.15 3.43 5.38
N ARG A 49 -4.63 2.24 5.74
CA ARG A 49 -4.00 1.34 4.75
C ARG A 49 -5.03 0.92 3.70
N GLU A 50 -6.25 0.60 4.19
CA GLU A 50 -7.34 0.15 3.31
C GLU A 50 -7.76 1.31 2.36
N ALA A 51 -7.84 2.56 2.93
CA ALA A 51 -8.27 3.75 2.16
C ALA A 51 -7.36 3.94 0.93
N LEU A 52 -6.02 3.89 1.18
CA LEU A 52 -5.00 4.01 0.11
C LEU A 52 -5.05 2.89 -0.88
N PHE A 53 -5.21 1.69 -0.35
CA PHE A 53 -5.25 0.49 -1.18
C PHE A 53 -6.43 0.58 -2.19
N ASN A 54 -7.61 0.94 -1.66
CA ASN A 54 -8.85 1.08 -2.48
C ASN A 54 -8.66 2.18 -3.52
N GLU A 55 -8.03 3.28 -3.07
CA GLU A 55 -7.79 4.46 -3.95
C GLU A 55 -6.79 4.10 -5.05
N PHE A 56 -5.72 3.37 -4.65
CA PHE A 56 -4.64 2.99 -5.57
C PHE A 56 -5.19 2.10 -6.70
N VAL A 57 -5.97 1.07 -6.32
CA VAL A 57 -6.57 0.12 -7.30
C VAL A 57 -7.54 0.85 -8.22
N ALA A 58 -8.41 1.71 -7.61
CA ALA A 58 -9.44 2.48 -8.37
C ALA A 58 -8.75 3.48 -9.31
N ALA A 59 -7.67 4.14 -8.83
CA ALA A 59 -6.89 5.13 -9.61
C ALA A 59 -6.05 4.44 -10.72
N ALA A 60 -5.40 3.29 -10.35
CA ALA A 60 -4.52 2.52 -11.27
C ALA A 60 -5.33 1.94 -12.43
N ARG A 61 -6.54 1.42 -12.10
CA ARG A 61 -7.42 0.82 -13.12
C ARG A 61 -7.98 1.88 -14.04
N ILE A 5 7.62 15.66 6.94
CA ILE A 5 7.51 16.06 5.51
C ILE A 5 6.70 14.96 4.74
N MET A 6 5.66 14.36 5.43
CA MET A 6 4.80 13.30 4.81
C MET A 6 5.67 12.25 4.00
N GLN A 7 6.93 12.01 4.49
CA GLN A 7 7.90 11.06 3.84
C GLN A 7 7.33 9.65 3.79
N ALA A 8 6.65 9.26 4.87
CA ALA A 8 6.03 7.93 4.96
C ALA A 8 5.02 7.72 3.81
N LYS A 9 4.12 8.74 3.61
CA LYS A 9 3.08 8.68 2.55
C LYS A 9 3.73 8.68 1.12
N GLU A 10 4.76 9.54 0.92
CA GLU A 10 5.47 9.66 -0.40
C GLU A 10 6.17 8.30 -0.73
N ASP A 11 6.73 7.66 0.31
CA ASP A 11 7.40 6.35 0.17
C ASP A 11 6.32 5.25 -0.13
N PHE A 12 5.07 5.47 0.38
CA PHE A 12 3.96 4.50 0.16
C PHE A 12 3.52 4.39 -1.34
N LYS A 13 3.22 5.56 -1.97
CA LYS A 13 2.78 5.63 -3.40
C LYS A 13 3.88 5.10 -4.34
N LYS A 14 5.15 5.47 -4.01
CA LYS A 14 6.35 5.05 -4.79
C LYS A 14 6.46 3.54 -4.79
N MET A 15 6.24 2.94 -3.61
CA MET A 15 6.30 1.48 -3.49
C MET A 15 5.13 0.80 -4.29
N MET A 16 3.91 1.35 -4.12
CA MET A 16 2.67 0.78 -4.77
C MET A 16 2.71 0.86 -6.32
N GLU A 17 3.17 2.01 -6.88
CA GLU A 17 3.24 2.20 -8.35
C GLU A 17 4.38 1.34 -8.93
N GLU A 18 5.53 1.34 -8.21
CA GLU A 18 6.75 0.59 -8.59
C GLU A 18 6.56 -0.93 -8.40
N ALA A 19 5.88 -1.33 -7.29
CA ALA A 19 5.66 -2.78 -6.98
C ALA A 19 4.52 -3.32 -7.83
N LYS A 20 4.16 -2.57 -8.94
CA LYS A 20 2.99 -2.90 -9.81
C LYS A 20 2.68 -4.40 -9.69
N PHE A 21 1.47 -4.71 -9.19
CA PHE A 21 1.03 -6.08 -8.91
C PHE A 21 -0.37 -6.27 -9.45
N ASN A 22 -0.86 -7.52 -9.39
CA ASN A 22 -2.22 -7.86 -9.89
C ASN A 22 -3.31 -6.82 -9.32
N PRO A 23 -4.07 -6.06 -10.20
CA PRO A 23 -5.07 -5.02 -9.71
C PRO A 23 -6.30 -5.68 -9.01
N ARG A 24 -6.48 -7.02 -9.23
CA ARG A 24 -7.63 -7.81 -8.65
C ARG A 24 -7.26 -8.39 -7.28
N ALA A 25 -5.98 -8.22 -6.85
CA ALA A 25 -5.53 -8.71 -5.54
C ALA A 25 -6.16 -7.79 -4.47
N THR A 26 -6.27 -8.31 -3.25
CA THR A 26 -6.87 -7.59 -2.12
C THR A 26 -5.74 -7.04 -1.26
N PHE A 27 -6.09 -6.11 -0.37
CA PHE A 27 -5.14 -5.50 0.59
C PHE A 27 -4.51 -6.58 1.50
N SER A 28 -5.34 -7.51 2.01
CA SER A 28 -4.88 -8.58 2.93
C SER A 28 -3.79 -9.45 2.24
N GLU A 29 -3.98 -9.75 0.93
CA GLU A 29 -3.01 -10.55 0.14
C GLU A 29 -1.72 -9.72 -0.12
N PHE A 30 -1.90 -8.45 -0.53
CA PHE A 30 -0.76 -7.52 -0.81
C PHE A 30 0.03 -7.21 0.51
N ALA A 31 -0.71 -6.95 1.60
CA ALA A 31 -0.12 -6.63 2.93
C ALA A 31 0.66 -7.86 3.46
N ALA A 32 0.11 -9.07 3.24
CA ALA A 32 0.77 -10.36 3.68
C ALA A 32 2.18 -10.50 3.02
N LYS A 33 2.30 -10.10 1.74
CA LYS A 33 3.58 -10.12 0.98
C LYS A 33 4.58 -9.04 1.49
N HIS A 34 4.05 -7.83 1.77
CA HIS A 34 4.89 -6.68 2.23
C HIS A 34 4.83 -6.56 3.78
N ALA A 35 4.10 -7.49 4.44
CA ALA A 35 3.91 -7.45 5.94
C ALA A 35 5.27 -7.38 6.66
N LYS A 36 6.29 -8.06 6.07
CA LYS A 36 7.65 -8.11 6.66
C LYS A 36 8.41 -6.80 6.38
N ASP A 37 7.88 -5.95 5.45
CA ASP A 37 8.51 -4.66 5.12
C ASP A 37 8.42 -3.73 6.36
N SER A 38 9.48 -2.94 6.59
CA SER A 38 9.53 -2.03 7.76
C SER A 38 8.52 -0.86 7.59
N ARG A 39 8.09 -0.65 6.34
CA ARG A 39 7.11 0.39 5.97
C ARG A 39 5.70 0.00 6.45
N PHE A 40 5.47 -1.34 6.60
CA PHE A 40 4.14 -1.83 7.03
C PHE A 40 3.81 -1.39 8.50
N LYS A 41 4.77 -1.70 9.41
CA LYS A 41 4.65 -1.40 10.87
C LYS A 41 4.82 0.11 11.13
N ALA A 42 5.40 0.84 10.13
CA ALA A 42 5.65 2.32 10.23
C ALA A 42 4.31 3.07 10.36
N ILE A 43 3.28 2.54 9.67
CA ILE A 43 1.93 3.13 9.73
C ILE A 43 1.17 2.39 10.84
N GLU A 44 0.80 3.14 11.90
CA GLU A 44 0.08 2.61 13.07
C GLU A 44 -1.38 2.24 12.68
N LYS A 45 -2.00 3.14 11.86
CA LYS A 45 -3.41 2.97 11.41
C LYS A 45 -3.51 2.07 10.16
N MET A 46 -4.01 0.84 10.37
CA MET A 46 -4.22 -0.16 9.31
C MET A 46 -5.34 0.36 8.34
N LYS A 47 -6.32 1.08 8.90
CA LYS A 47 -7.46 1.65 8.15
C LYS A 47 -6.97 2.62 7.06
N ASP A 48 -5.93 3.42 7.40
CA ASP A 48 -5.34 4.39 6.44
C ASP A 48 -4.71 3.64 5.25
N ARG A 49 -4.09 2.46 5.54
CA ARG A 49 -3.43 1.66 4.48
C ARG A 49 -4.50 1.16 3.46
N GLU A 50 -5.68 0.72 4.00
CA GLU A 50 -6.80 0.21 3.17
C GLU A 50 -7.35 1.35 2.26
N ALA A 51 -7.44 2.58 2.82
CA ALA A 51 -7.97 3.76 2.06
C ALA A 51 -7.13 3.97 0.77
N LEU A 52 -5.78 4.01 0.92
CA LEU A 52 -4.84 4.17 -0.23
C LEU A 52 -4.93 2.99 -1.21
N PHE A 53 -5.04 1.77 -0.64
CA PHE A 53 -5.10 0.54 -1.46
C PHE A 53 -6.36 0.59 -2.39
N ASN A 54 -7.51 0.99 -1.79
CA ASN A 54 -8.79 1.08 -2.56
C ASN A 54 -8.68 2.16 -3.68
N GLU A 55 -8.03 3.31 -3.34
CA GLU A 55 -7.81 4.43 -4.30
C GLU A 55 -6.81 4.00 -5.40
N PHE A 56 -5.74 3.27 -4.97
CA PHE A 56 -4.67 2.83 -5.90
C PHE A 56 -5.27 1.90 -7.00
N VAL A 57 -6.05 0.88 -6.57
CA VAL A 57 -6.70 -0.09 -7.52
C VAL A 57 -7.71 0.64 -8.42
N ALA A 58 -8.53 1.52 -7.80
CA ALA A 58 -9.57 2.31 -8.55
C ALA A 58 -8.90 3.28 -9.55
N ALA A 59 -7.78 3.92 -9.11
CA ALA A 59 -6.99 4.88 -9.95
C ALA A 59 -6.17 4.13 -11.05
N ALA A 60 -5.54 2.99 -10.65
CA ALA A 60 -4.70 2.16 -11.59
C ALA A 60 -5.56 1.54 -12.69
N ARG A 61 -6.76 0.99 -12.30
CA ARG A 61 -7.71 0.37 -13.27
C ARG A 61 -8.35 1.43 -14.16
N ILE A 5 7.92 16.16 6.68
CA ILE A 5 7.76 16.55 5.23
C ILE A 5 6.94 15.43 4.51
N MET A 6 5.95 14.80 5.26
CA MET A 6 5.09 13.71 4.68
C MET A 6 5.97 12.70 3.88
N GLN A 7 7.26 12.59 4.27
CA GLN A 7 8.23 11.71 3.56
C GLN A 7 7.77 10.24 3.61
N ALA A 8 7.23 9.84 4.78
CA ALA A 8 6.74 8.45 4.99
C ALA A 8 5.61 8.10 3.97
N LYS A 9 4.67 9.07 3.76
CA LYS A 9 3.53 8.90 2.82
C LYS A 9 4.03 8.78 1.36
N GLU A 10 4.99 9.64 0.99
CA GLU A 10 5.56 9.65 -0.37
C GLU A 10 6.29 8.31 -0.63
N ASP A 11 7.07 7.86 0.41
CA ASP A 11 7.83 6.59 0.34
C ASP A 11 6.86 5.41 0.19
N PHE A 12 5.72 5.48 0.93
CA PHE A 12 4.70 4.42 0.87
C PHE A 12 4.08 4.34 -0.56
N LYS A 13 3.65 5.50 -1.11
CA LYS A 13 3.05 5.58 -2.50
C LYS A 13 4.04 5.15 -3.54
N LYS A 14 5.28 5.59 -3.33
CA LYS A 14 6.39 5.29 -4.25
C LYS A 14 6.53 3.78 -4.36
N MET A 15 6.34 3.09 -3.23
CA MET A 15 6.45 1.63 -3.22
C MET A 15 5.27 0.99 -4.03
N MET A 16 4.03 1.53 -3.83
CA MET A 16 2.79 0.97 -4.47
C MET A 16 2.82 1.03 -6.03
N GLU A 17 3.29 2.16 -6.58
CA GLU A 17 3.38 2.35 -8.05
C GLU A 17 4.50 1.43 -8.63
N GLU A 18 5.63 1.32 -7.85
CA GLU A 18 6.82 0.46 -8.22
C GLU A 18 6.58 -1.04 -7.91
N ALA A 19 5.62 -1.33 -7.00
CA ALA A 19 5.30 -2.72 -6.59
C ALA A 19 4.20 -3.26 -7.49
N LYS A 20 3.84 -2.45 -8.56
CA LYS A 20 2.70 -2.79 -9.48
C LYS A 20 2.46 -4.31 -9.45
N PHE A 21 1.26 -4.71 -9.00
CA PHE A 21 0.89 -6.13 -8.82
C PHE A 21 -0.50 -6.35 -9.35
N ASN A 22 -0.93 -7.63 -9.38
CA ASN A 22 -2.27 -8.00 -9.89
C ASN A 22 -3.38 -7.05 -9.28
N PRO A 23 -4.16 -6.29 -10.12
CA PRO A 23 -5.21 -5.31 -9.58
C PRO A 23 -6.41 -6.03 -8.91
N ARG A 24 -6.56 -7.34 -9.21
CA ARG A 24 -7.68 -8.19 -8.68
C ARG A 24 -7.31 -8.84 -7.34
N ALA A 25 -6.04 -8.66 -6.90
CA ALA A 25 -5.58 -9.17 -5.62
C ALA A 25 -6.23 -8.30 -4.53
N THR A 26 -6.38 -8.86 -3.33
CA THR A 26 -6.98 -8.16 -2.19
C THR A 26 -5.85 -7.56 -1.35
N PHE A 27 -6.24 -6.66 -0.44
CA PHE A 27 -5.32 -5.99 0.49
C PHE A 27 -4.60 -7.02 1.40
N SER A 28 -5.37 -7.99 1.92
CA SER A 28 -4.84 -9.04 2.83
C SER A 28 -3.70 -9.83 2.13
N GLU A 29 -3.89 -10.14 0.83
CA GLU A 29 -2.88 -10.87 0.02
C GLU A 29 -1.63 -9.98 -0.23
N PHE A 30 -1.88 -8.71 -0.60
CA PHE A 30 -0.80 -7.73 -0.85
C PHE A 30 0.00 -7.41 0.46
N ALA A 31 -0.76 -7.19 1.57
CA ALA A 31 -0.17 -6.86 2.90
C ALA A 31 0.63 -8.06 3.44
N ALA A 32 0.09 -9.27 3.24
CA ALA A 32 0.75 -10.53 3.70
C ALA A 32 2.16 -10.65 3.06
N LYS A 33 2.26 -10.21 1.79
CA LYS A 33 3.56 -10.24 1.07
C LYS A 33 4.54 -9.13 1.60
N HIS A 34 4.00 -7.89 1.83
CA HIS A 34 4.81 -6.71 2.29
C HIS A 34 4.75 -6.58 3.83
N ALA A 35 4.04 -7.52 4.49
CA ALA A 35 3.84 -7.49 5.98
C ALA A 35 5.19 -7.34 6.72
N LYS A 36 6.22 -8.03 6.17
CA LYS A 36 7.59 -8.02 6.75
C LYS A 36 8.32 -6.71 6.36
N ASP A 37 7.75 -5.95 5.38
CA ASP A 37 8.38 -4.67 4.92
C ASP A 37 8.35 -3.66 6.10
N SER A 38 9.43 -2.87 6.25
CA SER A 38 9.57 -1.86 7.34
C SER A 38 8.51 -0.73 7.20
N ARG A 39 8.20 -0.38 5.93
CA ARG A 39 7.21 0.70 5.57
C ARG A 39 5.77 0.31 5.99
N PHE A 40 5.53 -1.02 6.07
CA PHE A 40 4.20 -1.53 6.42
C PHE A 40 3.84 -1.21 7.91
N LYS A 41 4.78 -1.58 8.81
CA LYS A 41 4.65 -1.38 10.28
C LYS A 41 4.88 0.10 10.67
N ALA A 42 5.48 0.88 9.74
CA ALA A 42 5.77 2.32 9.96
C ALA A 42 4.45 3.10 10.15
N ILE A 43 3.41 2.66 9.41
CA ILE A 43 2.07 3.26 9.50
C ILE A 43 1.34 2.51 10.62
N GLU A 44 0.94 3.24 11.66
CA GLU A 44 0.23 2.67 12.82
C GLU A 44 -1.22 2.30 12.43
N LYS A 45 -1.90 3.25 11.69
CA LYS A 45 -3.31 3.07 11.27
C LYS A 45 -3.40 2.14 10.05
N MET A 46 -4.20 1.09 10.21
CA MET A 46 -4.43 0.09 9.17
C MET A 46 -5.52 0.58 8.20
N LYS A 47 -6.40 1.47 8.71
CA LYS A 47 -7.53 2.04 7.92
C LYS A 47 -7.01 2.89 6.75
N ASP A 48 -5.93 3.65 7.02
CA ASP A 48 -5.32 4.53 6.01
C ASP A 48 -4.76 3.69 4.86
N ARG A 49 -4.16 2.50 5.22
CA ARG A 49 -3.58 1.60 4.21
C ARG A 49 -4.68 1.04 3.30
N GLU A 50 -5.82 0.66 3.92
CA GLU A 50 -6.98 0.11 3.17
C GLU A 50 -7.53 1.20 2.20
N ALA A 51 -7.63 2.46 2.72
CA ALA A 51 -8.14 3.61 1.92
C ALA A 51 -7.27 3.83 0.64
N LEU A 52 -5.94 3.85 0.84
CA LEU A 52 -4.94 4.05 -0.26
C LEU A 52 -5.02 2.92 -1.28
N PHE A 53 -5.11 1.69 -0.75
CA PHE A 53 -5.23 0.48 -1.58
C PHE A 53 -6.49 0.57 -2.47
N ASN A 54 -7.62 0.92 -1.84
CA ASN A 54 -8.92 1.01 -2.56
C ASN A 54 -8.86 2.07 -3.68
N GLU A 55 -8.25 3.24 -3.34
CA GLU A 55 -8.07 4.37 -4.29
C GLU A 55 -7.05 4.01 -5.37
N PHE A 56 -5.98 3.30 -4.97
CA PHE A 56 -4.89 2.93 -5.89
C PHE A 56 -5.44 2.05 -7.03
N VAL A 57 -6.23 1.00 -6.66
CA VAL A 57 -6.84 0.06 -7.65
C VAL A 57 -7.84 0.82 -8.55
N ALA A 58 -8.71 1.67 -7.90
CA ALA A 58 -9.74 2.45 -8.64
C ALA A 58 -9.08 3.48 -9.60
N ALA A 59 -7.98 4.12 -9.11
CA ALA A 59 -7.20 5.12 -9.89
C ALA A 59 -6.35 4.44 -11.01
N ALA A 60 -5.68 3.30 -10.64
CA ALA A 60 -4.80 2.53 -11.58
C ALA A 60 -5.62 1.90 -12.70
N ARG A 61 -6.79 1.33 -12.31
CA ARG A 61 -7.70 0.69 -13.28
C ARG A 61 -8.32 1.74 -14.19
N ILE A 5 7.54 16.07 5.71
CA ILE A 5 7.76 16.52 4.33
C ILE A 5 7.08 15.48 3.40
N MET A 6 5.91 14.92 3.91
CA MET A 6 5.12 13.88 3.19
C MET A 6 6.06 12.78 2.64
N GLN A 7 7.29 12.70 3.24
CA GLN A 7 8.32 11.74 2.80
C GLN A 7 7.82 10.30 2.98
N ALA A 8 7.28 10.01 4.18
CA ALA A 8 6.74 8.68 4.51
C ALA A 8 5.61 8.33 3.56
N LYS A 9 4.70 9.31 3.38
CA LYS A 9 3.51 9.12 2.50
C LYS A 9 3.95 8.95 1.02
N GLU A 10 4.94 9.76 0.59
CA GLU A 10 5.46 9.71 -0.79
C GLU A 10 6.16 8.35 -1.05
N ASP A 11 6.91 7.88 0.00
CA ASP A 11 7.65 6.59 -0.06
C ASP A 11 6.67 5.44 -0.27
N PHE A 12 5.50 5.53 0.39
CA PHE A 12 4.45 4.50 0.27
C PHE A 12 3.95 4.41 -1.21
N LYS A 13 3.59 5.57 -1.80
CA LYS A 13 3.09 5.65 -3.21
C LYS A 13 4.14 5.21 -4.19
N LYS A 14 5.37 5.64 -3.90
CA LYS A 14 6.51 5.34 -4.75
C LYS A 14 6.66 3.82 -4.86
N MET A 15 6.45 3.14 -3.73
CA MET A 15 6.56 1.67 -3.72
C MET A 15 5.38 1.02 -4.52
N MET A 16 4.14 1.55 -4.30
CA MET A 16 2.91 0.99 -4.94
C MET A 16 2.94 1.04 -6.48
N GLU A 17 3.38 2.19 -7.04
CA GLU A 17 3.45 2.37 -8.51
C GLU A 17 4.57 1.48 -9.10
N GLU A 18 5.69 1.36 -8.33
CA GLU A 18 6.88 0.53 -8.73
C GLU A 18 6.66 -0.98 -8.42
N ALA A 19 5.71 -1.28 -7.50
CA ALA A 19 5.40 -2.68 -7.10
C ALA A 19 4.31 -3.23 -7.99
N LYS A 20 3.97 -2.47 -9.08
CA LYS A 20 2.83 -2.82 -10.00
C LYS A 20 2.52 -4.32 -9.86
N PHE A 21 1.31 -4.63 -9.39
CA PHE A 21 0.88 -6.02 -9.12
C PHE A 21 -0.52 -6.24 -9.65
N ASN A 22 -0.97 -7.50 -9.58
CA ASN A 22 -2.32 -7.86 -10.07
C ASN A 22 -3.42 -6.88 -9.47
N PRO A 23 -4.24 -6.18 -10.31
CA PRO A 23 -5.27 -5.17 -9.80
C PRO A 23 -6.45 -5.87 -9.05
N ARG A 24 -6.57 -7.21 -9.26
CA ARG A 24 -7.67 -8.02 -8.65
C ARG A 24 -7.25 -8.58 -7.28
N ALA A 25 -5.98 -8.34 -6.90
CA ALA A 25 -5.47 -8.79 -5.59
C ALA A 25 -6.14 -7.90 -4.51
N THR A 26 -6.26 -8.45 -3.32
CA THR A 26 -6.87 -7.77 -2.17
C THR A 26 -5.75 -7.19 -1.32
N PHE A 27 -6.13 -6.29 -0.40
CA PHE A 27 -5.20 -5.67 0.53
C PHE A 27 -4.52 -6.73 1.45
N SER A 28 -5.35 -7.68 1.95
CA SER A 28 -4.87 -8.74 2.88
C SER A 28 -3.77 -9.57 2.21
N GLU A 29 -3.94 -9.85 0.90
CA GLU A 29 -2.95 -10.62 0.12
C GLU A 29 -1.67 -9.77 -0.09
N PHE A 30 -1.88 -8.50 -0.49
CA PHE A 30 -0.76 -7.57 -0.75
C PHE A 30 0.05 -7.28 0.55
N ALA A 31 -0.70 -7.02 1.64
CA ALA A 31 -0.13 -6.71 2.98
C ALA A 31 0.64 -7.94 3.51
N ALA A 32 0.08 -9.15 3.29
CA ALA A 32 0.70 -10.41 3.76
C ALA A 32 2.11 -10.57 3.14
N LYS A 33 2.24 -10.16 1.87
CA LYS A 33 3.54 -10.22 1.17
C LYS A 33 4.53 -9.14 1.71
N HIS A 34 4.02 -7.89 1.92
CA HIS A 34 4.86 -6.75 2.40
C HIS A 34 4.78 -6.61 3.92
N ALA A 35 4.06 -7.55 4.58
CA ALA A 35 3.85 -7.52 6.06
C ALA A 35 5.20 -7.39 6.79
N LYS A 36 6.24 -8.06 6.23
CA LYS A 36 7.60 -8.05 6.82
C LYS A 36 8.32 -6.75 6.50
N ASP A 37 7.76 -5.95 5.57
CA ASP A 37 8.36 -4.65 5.18
C ASP A 37 8.25 -3.69 6.40
N SER A 38 9.31 -2.90 6.65
CA SER A 38 9.34 -1.94 7.78
C SER A 38 8.27 -0.83 7.62
N ARG A 39 7.84 -0.63 6.37
CA ARG A 39 6.81 0.39 6.01
C ARG A 39 5.41 -0.03 6.52
N PHE A 40 5.22 -1.35 6.72
CA PHE A 40 3.93 -1.88 7.19
C PHE A 40 3.67 -1.49 8.69
N LYS A 41 4.65 -1.81 9.55
CA LYS A 41 4.56 -1.55 11.02
C LYS A 41 4.74 -0.05 11.33
N ALA A 42 5.26 0.71 10.34
CA ALA A 42 5.51 2.17 10.48
C ALA A 42 4.17 2.91 10.68
N ILE A 43 3.11 2.39 10.04
CA ILE A 43 1.76 2.97 10.16
C ILE A 43 0.99 2.19 11.26
N GLU A 44 0.58 2.91 12.30
CA GLU A 44 -0.14 2.35 13.45
C GLU A 44 -1.58 1.94 13.04
N LYS A 45 -2.22 2.83 12.20
CA LYS A 45 -3.60 2.62 11.70
C LYS A 45 -3.58 1.98 10.31
N MET A 46 -3.98 0.70 10.27
CA MET A 46 -4.05 -0.07 9.02
C MET A 46 -5.24 0.42 8.17
N LYS A 47 -6.10 1.28 8.78
CA LYS A 47 -7.29 1.84 8.09
C LYS A 47 -6.86 2.75 6.94
N ASP A 48 -5.80 3.55 7.19
CA ASP A 48 -5.27 4.50 6.18
C ASP A 48 -4.68 3.71 4.99
N ARG A 49 -4.05 2.55 5.29
CA ARG A 49 -3.45 1.69 4.25
C ARG A 49 -4.55 1.13 3.33
N GLU A 50 -5.67 0.70 3.96
CA GLU A 50 -6.82 0.13 3.21
C GLU A 50 -7.42 1.21 2.28
N ALA A 51 -7.56 2.45 2.81
CA ALA A 51 -8.13 3.59 2.03
C ALA A 51 -7.29 3.85 0.75
N LEU A 52 -5.95 3.91 0.95
CA LEU A 52 -4.98 4.13 -0.17
C LEU A 52 -5.00 2.96 -1.16
N PHE A 53 -5.05 1.73 -0.61
CA PHE A 53 -5.08 0.50 -1.43
C PHE A 53 -6.32 0.52 -2.35
N ASN A 54 -7.48 0.84 -1.77
CA ASN A 54 -8.76 0.90 -2.51
C ASN A 54 -8.67 1.99 -3.59
N GLU A 55 -8.05 3.13 -3.21
CA GLU A 55 -7.89 4.28 -4.13
C GLU A 55 -6.91 3.92 -5.26
N PHE A 56 -5.81 3.22 -4.89
CA PHE A 56 -4.75 2.84 -5.83
C PHE A 56 -5.32 1.92 -6.95
N VAL A 57 -6.06 0.87 -6.53
CA VAL A 57 -6.69 -0.09 -7.47
C VAL A 57 -7.73 0.63 -8.36
N ALA A 58 -8.58 1.48 -7.72
CA ALA A 58 -9.64 2.22 -8.43
C ALA A 58 -9.00 3.24 -9.42
N ALA A 59 -7.91 3.90 -8.99
CA ALA A 59 -7.18 4.89 -9.81
C ALA A 59 -6.37 4.21 -10.95
N ALA A 60 -5.71 3.06 -10.60
CA ALA A 60 -4.86 2.30 -11.57
C ALA A 60 -5.71 1.71 -12.70
N ARG A 61 -6.92 1.21 -12.33
CA ARG A 61 -7.84 0.60 -13.34
C ARG A 61 -8.43 1.69 -14.27
N ILE A 5 8.16 16.36 5.69
CA ILE A 5 7.96 16.74 4.26
C ILE A 5 7.12 15.62 3.56
N MET A 6 6.08 15.08 4.29
CA MET A 6 5.18 14.01 3.74
C MET A 6 6.02 12.89 3.01
N GLN A 7 7.26 12.65 3.51
CA GLN A 7 8.20 11.62 2.93
C GLN A 7 7.62 10.22 3.08
N ALA A 8 7.04 9.95 4.26
CA ALA A 8 6.43 8.64 4.55
C ALA A 8 5.34 8.31 3.52
N LYS A 9 4.42 9.29 3.30
CA LYS A 9 3.30 9.13 2.34
C LYS A 9 3.81 9.01 0.87
N GLU A 10 4.83 9.84 0.52
CA GLU A 10 5.41 9.86 -0.85
C GLU A 10 6.13 8.50 -1.11
N ASP A 11 6.80 7.98 -0.06
CA ASP A 11 7.53 6.68 -0.11
C ASP A 11 6.50 5.56 -0.36
N PHE A 12 5.29 5.73 0.23
CA PHE A 12 4.21 4.75 0.09
C PHE A 12 3.76 4.62 -1.39
N LYS A 13 3.48 5.78 -2.02
CA LYS A 13 3.05 5.83 -3.45
C LYS A 13 4.14 5.31 -4.36
N LYS A 14 5.38 5.70 -4.02
CA LYS A 14 6.55 5.31 -4.80
C LYS A 14 6.66 3.78 -4.80
N MET A 15 6.44 3.17 -3.63
CA MET A 15 6.53 1.69 -3.50
C MET A 15 5.37 0.99 -4.29
N MET A 16 4.12 1.51 -4.12
CA MET A 16 2.88 0.92 -4.75
C MET A 16 2.93 0.96 -6.31
N GLU A 17 3.39 2.10 -6.88
CA GLU A 17 3.47 2.27 -8.37
C GLU A 17 4.59 1.33 -8.93
N GLU A 18 5.73 1.24 -8.16
CA GLU A 18 6.92 0.39 -8.54
C GLU A 18 6.69 -1.10 -8.19
N ALA A 19 5.77 -1.38 -7.21
CA ALA A 19 5.47 -2.77 -6.78
C ALA A 19 4.37 -3.35 -7.66
N LYS A 20 3.97 -2.56 -8.74
CA LYS A 20 2.82 -2.92 -9.63
C LYS A 20 2.58 -4.42 -9.58
N PHE A 21 1.39 -4.81 -9.10
CA PHE A 21 1.02 -6.22 -8.88
C PHE A 21 -0.38 -6.45 -9.41
N ASN A 22 -0.81 -7.72 -9.41
CA ASN A 22 -2.15 -8.10 -9.91
C ASN A 22 -3.27 -7.11 -9.33
N PRO A 23 -4.04 -6.37 -10.20
CA PRO A 23 -5.08 -5.36 -9.71
C PRO A 23 -6.28 -6.05 -9.02
N ARG A 24 -6.44 -7.38 -9.27
CA ARG A 24 -7.57 -8.18 -8.71
C ARG A 24 -7.21 -8.76 -7.33
N ALA A 25 -5.94 -8.60 -6.91
CA ALA A 25 -5.48 -9.06 -5.58
C ALA A 25 -6.10 -8.13 -4.55
N THR A 26 -6.31 -8.65 -3.33
CA THR A 26 -6.89 -7.90 -2.22
C THR A 26 -5.76 -7.31 -1.37
N PHE A 27 -6.14 -6.40 -0.45
CA PHE A 27 -5.19 -5.76 0.48
C PHE A 27 -4.50 -6.82 1.39
N SER A 28 -5.30 -7.78 1.87
CA SER A 28 -4.79 -8.86 2.78
C SER A 28 -3.65 -9.66 2.09
N GLU A 29 -3.84 -9.98 0.79
CA GLU A 29 -2.82 -10.72 -0.01
C GLU A 29 -1.57 -9.83 -0.25
N PHE A 30 -1.80 -8.54 -0.62
CA PHE A 30 -0.69 -7.59 -0.86
C PHE A 30 0.11 -7.30 0.47
N ALA A 31 -0.65 -7.08 1.56
CA ALA A 31 -0.08 -6.79 2.90
C ALA A 31 0.70 -8.01 3.42
N ALA A 32 0.18 -9.22 3.17
CA ALA A 32 0.83 -10.50 3.61
C ALA A 32 2.28 -10.60 3.01
N LYS A 33 2.44 -10.17 1.74
CA LYS A 33 3.77 -10.17 1.06
C LYS A 33 4.71 -9.09 1.65
N HIS A 34 4.16 -7.87 1.90
CA HIS A 34 4.95 -6.72 2.44
C HIS A 34 4.83 -6.64 3.98
N ALA A 35 4.09 -7.60 4.59
CA ALA A 35 3.85 -7.61 6.08
C ALA A 35 5.18 -7.53 6.85
N LYS A 36 6.21 -8.24 6.32
CA LYS A 36 7.55 -8.27 6.95
C LYS A 36 8.32 -6.96 6.63
N ASP A 37 7.82 -6.16 5.63
CA ASP A 37 8.47 -4.89 5.23
C ASP A 37 8.37 -3.89 6.41
N SER A 38 9.47 -3.14 6.67
CA SER A 38 9.52 -2.17 7.79
C SER A 38 8.46 -1.05 7.61
N ARG A 39 8.03 -0.87 6.36
CA ARG A 39 7.01 0.13 5.97
C ARG A 39 5.61 -0.27 6.49
N PHE A 40 5.40 -1.59 6.70
CA PHE A 40 4.08 -2.10 7.17
C PHE A 40 3.80 -1.64 8.64
N LYS A 41 4.79 -1.91 9.53
CA LYS A 41 4.67 -1.59 10.99
C LYS A 41 4.87 -0.08 11.23
N ALA A 42 5.41 0.64 10.20
CA ALA A 42 5.67 2.11 10.28
C ALA A 42 4.35 2.87 10.45
N ILE A 43 3.29 2.36 9.79
CA ILE A 43 1.94 2.96 9.87
C ILE A 43 1.17 2.22 11.00
N GLU A 44 0.80 2.99 12.05
CA GLU A 44 0.07 2.48 13.22
C GLU A 44 -1.39 2.13 12.84
N LYS A 45 -2.04 3.03 12.04
CA LYS A 45 -3.46 2.89 11.60
C LYS A 45 -3.52 2.15 10.25
N MET A 46 -3.98 0.89 10.30
CA MET A 46 -4.14 0.04 9.11
C MET A 46 -5.35 0.53 8.27
N LYS A 47 -6.17 1.43 8.87
CA LYS A 47 -7.37 2.00 8.20
C LYS A 47 -6.95 2.85 6.98
N ASP A 48 -5.86 3.65 7.18
CA ASP A 48 -5.32 4.54 6.12
C ASP A 48 -4.77 3.70 4.95
N ARG A 49 -4.20 2.52 5.29
CA ARG A 49 -3.61 1.61 4.28
C ARG A 49 -4.75 1.08 3.36
N GLU A 50 -5.91 0.71 4.00
CA GLU A 50 -7.10 0.18 3.27
C GLU A 50 -7.67 1.28 2.35
N ALA A 51 -7.79 2.52 2.90
CA ALA A 51 -8.33 3.67 2.16
C ALA A 51 -7.49 3.94 0.90
N LEU A 52 -6.15 3.99 1.09
CA LEU A 52 -5.20 4.26 -0.02
C LEU A 52 -5.26 3.12 -1.06
N PHE A 53 -5.33 1.88 -0.57
CA PHE A 53 -5.40 0.67 -1.42
C PHE A 53 -6.63 0.74 -2.37
N ASN A 54 -7.78 1.10 -1.79
CA ASN A 54 -9.06 1.19 -2.57
C ASN A 54 -8.92 2.28 -3.67
N GLU A 55 -8.28 3.43 -3.29
CA GLU A 55 -8.03 4.56 -4.22
C GLU A 55 -7.00 4.17 -5.28
N PHE A 56 -5.94 3.43 -4.86
CA PHE A 56 -4.85 3.01 -5.77
C PHE A 56 -5.40 2.11 -6.91
N VAL A 57 -6.20 1.07 -6.53
CA VAL A 57 -6.81 0.14 -7.52
C VAL A 57 -7.80 0.90 -8.43
N ALA A 58 -8.65 1.75 -7.81
CA ALA A 58 -9.66 2.54 -8.55
C ALA A 58 -8.97 3.55 -9.51
N ALA A 59 -7.88 4.19 -9.02
CA ALA A 59 -7.10 5.18 -9.82
C ALA A 59 -6.25 4.47 -10.92
N ALA A 60 -5.61 3.31 -10.54
CA ALA A 60 -4.73 2.54 -11.47
C ALA A 60 -5.55 1.95 -12.64
N ARG A 61 -6.78 1.46 -12.31
CA ARG A 61 -7.68 0.82 -13.31
C ARG A 61 -8.23 1.89 -14.31
N ILE A 5 7.51 15.94 6.88
CA ILE A 5 7.44 16.35 5.44
C ILE A 5 6.66 15.25 4.66
N MET A 6 5.66 14.60 5.34
CA MET A 6 4.81 13.51 4.72
C MET A 6 5.72 12.51 3.94
N GLN A 7 7.02 12.42 4.38
CA GLN A 7 8.03 11.56 3.71
C GLN A 7 7.60 10.08 3.73
N ALA A 8 7.04 9.65 4.88
CA ALA A 8 6.57 8.24 5.05
C ALA A 8 5.43 7.94 4.04
N LYS A 9 4.50 8.94 3.89
CA LYS A 9 3.33 8.80 2.97
C LYS A 9 3.79 8.71 1.48
N GLU A 10 4.74 9.59 1.10
CA GLU A 10 5.31 9.63 -0.29
C GLU A 10 6.09 8.33 -0.57
N ASP A 11 6.85 7.86 0.45
CA ASP A 11 7.66 6.60 0.34
C ASP A 11 6.69 5.40 0.12
N PHE A 12 5.52 5.44 0.82
CA PHE A 12 4.50 4.37 0.70
C PHE A 12 3.93 4.32 -0.76
N LYS A 13 3.52 5.49 -1.32
CA LYS A 13 2.95 5.58 -2.72
C LYS A 13 3.97 5.14 -3.77
N LYS A 14 5.22 5.60 -3.57
CA LYS A 14 6.34 5.28 -4.49
C LYS A 14 6.53 3.75 -4.55
N MET A 15 6.40 3.10 -3.39
CA MET A 15 6.54 1.64 -3.34
C MET A 15 5.39 0.96 -4.16
N MET A 16 4.13 1.46 -3.98
CA MET A 16 2.93 0.87 -4.65
C MET A 16 2.99 1.00 -6.21
N GLU A 17 3.41 2.18 -6.71
CA GLU A 17 3.50 2.45 -8.19
C GLU A 17 4.61 1.60 -8.80
N GLU A 18 5.69 1.35 -7.97
CA GLU A 18 6.90 0.54 -8.41
C GLU A 18 6.69 -0.97 -8.11
N ALA A 19 5.74 -1.30 -7.19
CA ALA A 19 5.45 -2.73 -6.80
C ALA A 19 4.33 -3.32 -7.66
N LYS A 20 3.91 -2.55 -8.78
CA LYS A 20 2.72 -2.93 -9.64
C LYS A 20 2.51 -4.43 -9.55
N PHE A 21 1.33 -4.81 -9.07
CA PHE A 21 0.95 -6.20 -8.82
C PHE A 21 -0.43 -6.43 -9.38
N ASN A 22 -0.89 -7.69 -9.38
CA ASN A 22 -2.21 -8.07 -9.91
C ASN A 22 -3.34 -7.08 -9.36
N PRO A 23 -4.12 -6.33 -10.22
CA PRO A 23 -5.17 -5.34 -9.74
C PRO A 23 -6.36 -6.02 -9.06
N ARG A 24 -6.50 -7.37 -9.29
CA ARG A 24 -7.63 -8.17 -8.72
C ARG A 24 -7.26 -8.75 -7.35
N ALA A 25 -5.99 -8.56 -6.91
CA ALA A 25 -5.54 -9.03 -5.59
C ALA A 25 -6.19 -8.12 -4.54
N THR A 26 -6.41 -8.67 -3.34
CA THR A 26 -7.03 -7.95 -2.22
C THR A 26 -5.94 -7.41 -1.32
N PHE A 27 -6.33 -6.55 -0.37
CA PHE A 27 -5.41 -5.93 0.62
C PHE A 27 -4.72 -7.04 1.47
N SER A 28 -5.49 -8.03 1.92
CA SER A 28 -4.98 -9.14 2.77
C SER A 28 -3.83 -9.90 2.05
N GLU A 29 -4.01 -10.18 0.74
CA GLU A 29 -2.96 -10.87 -0.08
C GLU A 29 -1.73 -9.96 -0.32
N PHE A 30 -1.98 -8.67 -0.68
CA PHE A 30 -0.90 -7.68 -0.93
C PHE A 30 -0.10 -7.39 0.39
N ALA A 31 -0.85 -7.18 1.49
CA ALA A 31 -0.26 -6.87 2.82
C ALA A 31 0.52 -8.07 3.36
N ALA A 32 -0.02 -9.29 3.15
CA ALA A 32 0.65 -10.54 3.60
C ALA A 32 2.06 -10.65 2.97
N LYS A 33 2.19 -10.20 1.70
CA LYS A 33 3.50 -10.20 0.97
C LYS A 33 4.47 -9.10 1.50
N HIS A 34 3.93 -7.87 1.72
CA HIS A 34 4.74 -6.69 2.17
C HIS A 34 4.67 -6.55 3.70
N ALA A 35 3.95 -7.48 4.38
CA ALA A 35 3.76 -7.43 5.87
C ALA A 35 5.12 -7.30 6.58
N LYS A 36 6.16 -7.98 6.01
CA LYS A 36 7.54 -7.96 6.59
C LYS A 36 8.27 -6.68 6.17
N ASP A 37 7.71 -5.91 5.18
CA ASP A 37 8.35 -4.66 4.72
C ASP A 37 8.34 -3.62 5.87
N SER A 38 9.43 -2.87 6.02
CA SER A 38 9.58 -1.84 7.09
C SER A 38 8.56 -0.69 6.91
N ARG A 39 8.25 -0.38 5.64
CA ARG A 39 7.31 0.71 5.27
C ARG A 39 5.87 0.34 5.63
N PHE A 40 5.58 -0.98 5.71
CA PHE A 40 4.21 -1.46 6.01
C PHE A 40 3.83 -1.14 7.49
N LYS A 41 4.74 -1.55 8.42
CA LYS A 41 4.53 -1.35 9.90
C LYS A 41 4.72 0.14 10.29
N ALA A 42 5.32 0.95 9.37
CA ALA A 42 5.58 2.40 9.58
C ALA A 42 4.24 3.14 9.76
N ILE A 43 3.21 2.69 9.04
CA ILE A 43 1.85 3.28 9.15
C ILE A 43 1.22 2.64 10.43
N GLU A 44 0.79 3.52 11.36
CA GLU A 44 0.16 3.11 12.64
C GLU A 44 -1.33 2.78 12.40
N LYS A 45 -2.01 3.68 11.61
CA LYS A 45 -3.46 3.56 11.30
C LYS A 45 -3.71 2.46 10.27
N MET A 46 -4.30 1.34 10.71
CA MET A 46 -4.64 0.22 9.83
C MET A 46 -5.73 0.65 8.79
N LYS A 47 -6.67 1.50 9.26
CA LYS A 47 -7.79 2.01 8.41
C LYS A 47 -7.26 2.80 7.20
N ASP A 48 -6.17 3.57 7.43
CA ASP A 48 -5.54 4.39 6.36
C ASP A 48 -4.97 3.45 5.26
N ARG A 49 -4.44 2.28 5.66
CA ARG A 49 -3.84 1.32 4.69
C ARG A 49 -4.92 0.88 3.67
N GLU A 50 -6.15 0.57 4.19
CA GLU A 50 -7.27 0.13 3.34
C GLU A 50 -7.69 1.29 2.39
N ALA A 51 -7.75 2.54 2.94
CA ALA A 51 -8.15 3.74 2.14
C ALA A 51 -7.23 3.91 0.91
N LEU A 52 -5.91 3.87 1.14
CA LEU A 52 -4.89 3.99 0.06
C LEU A 52 -4.96 2.82 -0.91
N PHE A 53 -5.15 1.60 -0.37
CA PHE A 53 -5.21 0.38 -1.20
C PHE A 53 -6.40 0.47 -2.19
N ASN A 54 -7.58 0.85 -1.66
CA ASN A 54 -8.82 0.99 -2.48
C ASN A 54 -8.62 2.11 -3.54
N GLU A 55 -7.97 3.23 -3.12
CA GLU A 55 -7.70 4.38 -4.02
C GLU A 55 -6.66 3.98 -5.09
N PHE A 56 -5.60 3.24 -4.67
CA PHE A 56 -4.50 2.83 -5.58
C PHE A 56 -5.05 1.92 -6.70
N VAL A 57 -5.85 0.90 -6.33
CA VAL A 57 -6.45 -0.05 -7.30
C VAL A 57 -7.40 0.71 -8.26
N ALA A 58 -8.25 1.59 -7.68
CA ALA A 58 -9.22 2.39 -8.46
C ALA A 58 -8.49 3.37 -9.42
N ALA A 59 -7.39 3.99 -8.92
CA ALA A 59 -6.56 4.94 -9.71
C ALA A 59 -5.69 4.20 -10.78
N ALA A 60 -5.07 3.05 -10.37
CA ALA A 60 -4.18 2.25 -11.27
C ALA A 60 -5.00 1.63 -12.42
N ARG A 61 -6.21 1.09 -12.08
CA ARG A 61 -7.10 0.46 -13.09
C ARG A 61 -7.72 1.53 -14.00
N ILE A 5 8.44 15.59 6.48
CA ILE A 5 7.52 16.29 5.57
C ILE A 5 6.79 15.21 4.75
N MET A 6 5.66 14.68 5.29
CA MET A 6 4.80 13.68 4.58
C MET A 6 5.65 12.64 3.78
N GLN A 7 6.91 12.46 4.24
CA GLN A 7 7.87 11.60 3.56
C GLN A 7 7.38 10.15 3.56
N ALA A 8 6.80 9.73 4.72
CA ALA A 8 6.28 8.37 4.90
C ALA A 8 5.18 8.09 3.88
N LYS A 9 4.29 9.07 3.71
CA LYS A 9 3.15 8.94 2.79
C LYS A 9 3.63 8.85 1.31
N GLU A 10 4.60 9.70 0.96
CA GLU A 10 5.18 9.74 -0.41
C GLU A 10 5.93 8.43 -0.70
N ASP A 11 6.63 7.92 0.32
CA ASP A 11 7.40 6.66 0.22
C ASP A 11 6.42 5.49 -0.03
N PHE A 12 5.25 5.56 0.61
CA PHE A 12 4.22 4.51 0.46
C PHE A 12 3.76 4.45 -1.02
N LYS A 13 3.44 5.63 -1.61
CA LYS A 13 3.00 5.73 -3.02
C LYS A 13 4.07 5.26 -3.96
N LYS A 14 5.29 5.67 -3.63
CA LYS A 14 6.46 5.36 -4.44
C LYS A 14 6.62 3.84 -4.49
N MET A 15 6.36 3.18 -3.35
CA MET A 15 6.47 1.73 -3.26
C MET A 15 5.35 1.03 -4.07
N MET A 16 4.12 1.53 -3.94
CA MET A 16 2.92 0.94 -4.60
C MET A 16 2.96 0.98 -6.15
N GLU A 17 3.42 2.11 -6.71
CA GLU A 17 3.49 2.29 -8.18
C GLU A 17 4.51 1.34 -8.83
N GLU A 18 5.70 1.23 -8.17
CA GLU A 18 6.83 0.38 -8.66
C GLU A 18 6.60 -1.10 -8.32
N ALA A 19 5.67 -1.36 -7.36
CA ALA A 19 5.37 -2.74 -6.89
C ALA A 19 4.26 -3.33 -7.73
N LYS A 20 3.85 -2.56 -8.80
CA LYS A 20 2.69 -2.93 -9.65
C LYS A 20 2.46 -4.45 -9.57
N PHE A 21 1.27 -4.84 -9.08
CA PHE A 21 0.92 -6.25 -8.86
C PHE A 21 -0.48 -6.50 -9.36
N ASN A 22 -0.88 -7.78 -9.35
CA ASN A 22 -2.21 -8.19 -9.82
C ASN A 22 -3.32 -7.21 -9.26
N PRO A 23 -4.10 -6.50 -10.13
CA PRO A 23 -5.14 -5.50 -9.64
C PRO A 23 -6.33 -6.18 -8.94
N ARG A 24 -6.48 -7.52 -9.17
CA ARG A 24 -7.60 -8.30 -8.59
C ARG A 24 -7.24 -8.87 -7.23
N ALA A 25 -5.97 -8.68 -6.82
CA ALA A 25 -5.51 -9.13 -5.50
C ALA A 25 -6.14 -8.19 -4.46
N THR A 26 -6.36 -8.73 -3.27
CA THR A 26 -6.94 -7.98 -2.15
C THR A 26 -5.83 -7.41 -1.30
N PHE A 27 -6.21 -6.52 -0.38
CA PHE A 27 -5.27 -5.87 0.54
C PHE A 27 -4.57 -6.94 1.43
N SER A 28 -5.34 -7.91 1.92
CA SER A 28 -4.82 -8.99 2.80
C SER A 28 -3.68 -9.76 2.10
N GLU A 29 -3.87 -10.07 0.80
CA GLU A 29 -2.84 -10.78 0.00
C GLU A 29 -1.60 -9.89 -0.24
N PHE A 30 -1.85 -8.63 -0.60
CA PHE A 30 -0.77 -7.65 -0.85
C PHE A 30 0.03 -7.36 0.46
N ALA A 31 -0.72 -7.13 1.57
CA ALA A 31 -0.13 -6.82 2.90
C ALA A 31 0.65 -8.03 3.42
N ALA A 32 0.10 -9.24 3.20
CA ALA A 32 0.75 -10.51 3.64
C ALA A 32 2.15 -10.64 3.01
N LYS A 33 2.25 -10.22 1.75
CA LYS A 33 3.53 -10.27 1.03
C LYS A 33 4.55 -9.21 1.56
N HIS A 34 4.05 -7.97 1.79
CA HIS A 34 4.89 -6.82 2.24
C HIS A 34 4.82 -6.69 3.76
N ALA A 35 4.11 -7.62 4.43
CA ALA A 35 3.91 -7.58 5.92
C ALA A 35 5.25 -7.47 6.64
N LYS A 36 6.28 -8.14 6.09
CA LYS A 36 7.65 -8.15 6.67
C LYS A 36 8.38 -6.84 6.37
N ASP A 37 7.81 -6.03 5.43
CA ASP A 37 8.43 -4.74 5.05
C ASP A 37 8.39 -3.81 6.28
N SER A 38 9.47 -3.05 6.49
CA SER A 38 9.58 -2.12 7.64
C SER A 38 8.58 -0.96 7.53
N ARG A 39 8.24 -0.61 6.28
CA ARG A 39 7.29 0.49 5.98
C ARG A 39 5.86 0.09 6.37
N PHE A 40 5.61 -1.22 6.43
CA PHE A 40 4.27 -1.72 6.75
C PHE A 40 3.90 -1.41 8.23
N LYS A 41 4.79 -1.82 9.14
CA LYS A 41 4.60 -1.63 10.61
C LYS A 41 4.84 -0.15 11.01
N ALA A 42 5.46 0.63 10.09
CA ALA A 42 5.79 2.07 10.35
C ALA A 42 4.50 2.87 10.51
N ILE A 43 3.47 2.49 9.72
CA ILE A 43 2.15 3.14 9.78
C ILE A 43 1.33 2.40 10.85
N GLU A 44 0.89 3.16 11.86
CA GLU A 44 0.08 2.64 12.96
C GLU A 44 -1.36 2.34 12.53
N LYS A 45 -1.95 3.31 11.77
CA LYS A 45 -3.35 3.20 11.30
C LYS A 45 -3.44 2.30 10.09
N MET A 46 -3.99 1.13 10.33
CA MET A 46 -4.20 0.15 9.26
C MET A 46 -5.27 0.66 8.28
N LYS A 47 -6.27 1.38 8.81
CA LYS A 47 -7.40 1.90 8.03
C LYS A 47 -6.91 2.85 6.92
N ASP A 48 -5.86 3.63 7.25
CA ASP A 48 -5.30 4.58 6.28
C ASP A 48 -4.72 3.82 5.07
N ARG A 49 -4.09 2.67 5.33
CA ARG A 49 -3.51 1.84 4.24
C ARG A 49 -4.61 1.30 3.33
N GLU A 50 -5.73 0.91 3.95
CA GLU A 50 -6.87 0.36 3.20
C GLU A 50 -7.45 1.42 2.25
N ALA A 51 -7.54 2.69 2.74
CA ALA A 51 -8.09 3.81 1.94
C ALA A 51 -7.27 4.00 0.65
N LEU A 52 -5.92 3.99 0.82
CA LEU A 52 -4.98 4.14 -0.32
C LEU A 52 -5.05 3.00 -1.28
N PHE A 53 -5.16 1.80 -0.74
CA PHE A 53 -5.25 0.60 -1.56
C PHE A 53 -6.49 0.69 -2.49
N ASN A 54 -7.65 1.05 -1.90
CA ASN A 54 -8.93 1.16 -2.65
C ASN A 54 -8.80 2.24 -3.74
N GLU A 55 -8.17 3.37 -3.36
CA GLU A 55 -7.97 4.50 -4.28
C GLU A 55 -6.97 4.12 -5.39
N PHE A 56 -5.89 3.40 -4.98
CA PHE A 56 -4.83 3.02 -5.92
C PHE A 56 -5.37 2.13 -7.04
N VAL A 57 -6.16 1.10 -6.65
CA VAL A 57 -6.76 0.16 -7.62
C VAL A 57 -7.76 0.89 -8.52
N ALA A 58 -8.61 1.75 -7.89
CA ALA A 58 -9.64 2.52 -8.62
C ALA A 58 -8.98 3.52 -9.59
N ALA A 59 -7.89 4.16 -9.11
CA ALA A 59 -7.12 5.15 -9.92
C ALA A 59 -6.30 4.46 -11.04
N ALA A 60 -5.65 3.31 -10.68
CA ALA A 60 -4.80 2.54 -11.63
C ALA A 60 -5.63 1.94 -12.75
N ARG A 61 -6.82 1.39 -12.36
CA ARG A 61 -7.71 0.76 -13.34
C ARG A 61 -8.34 1.80 -14.26
N ILE A 5 8.36 15.53 6.38
CA ILE A 5 7.74 16.11 5.16
C ILE A 5 6.95 14.99 4.41
N MET A 6 5.86 14.49 5.05
CA MET A 6 4.98 13.43 4.44
C MET A 6 5.85 12.29 3.78
N GLN A 7 7.05 12.03 4.36
CA GLN A 7 8.02 11.02 3.84
C GLN A 7 7.39 9.60 3.84
N ALA A 8 6.67 9.26 4.94
CA ALA A 8 6.00 7.94 5.09
C ALA A 8 4.99 7.69 3.93
N LYS A 9 4.10 8.69 3.69
CA LYS A 9 3.06 8.61 2.62
C LYS A 9 3.72 8.57 1.21
N GLU A 10 4.77 9.43 1.02
CA GLU A 10 5.49 9.50 -0.29
C GLU A 10 6.18 8.15 -0.56
N ASP A 11 6.82 7.59 0.49
CA ASP A 11 7.50 6.27 0.41
C ASP A 11 6.45 5.18 0.09
N PHE A 12 5.25 5.29 0.71
CA PHE A 12 4.15 4.30 0.50
C PHE A 12 3.66 4.30 -0.99
N LYS A 13 3.35 5.52 -1.51
CA LYS A 13 2.87 5.68 -2.93
C LYS A 13 3.96 5.26 -3.90
N LYS A 14 5.21 5.69 -3.59
CA LYS A 14 6.37 5.35 -4.43
C LYS A 14 6.54 3.83 -4.50
N MET A 15 6.39 3.16 -3.33
CA MET A 15 6.53 1.68 -3.26
C MET A 15 5.36 1.00 -4.07
N MET A 16 4.12 1.51 -3.89
CA MET A 16 2.89 0.94 -4.57
C MET A 16 2.93 1.10 -6.15
N GLU A 17 3.39 2.28 -6.66
CA GLU A 17 3.43 2.56 -8.14
C GLU A 17 4.51 1.67 -8.84
N GLU A 18 5.67 1.49 -8.16
CA GLU A 18 6.82 0.68 -8.69
C GLU A 18 6.65 -0.82 -8.38
N ALA A 19 5.74 -1.17 -7.43
CA ALA A 19 5.48 -2.59 -7.04
C ALA A 19 4.35 -3.20 -7.91
N LYS A 20 4.00 -2.52 -9.08
CA LYS A 20 2.85 -2.96 -9.97
C LYS A 20 2.58 -4.46 -9.75
N PHE A 21 1.37 -4.76 -9.23
CA PHE A 21 0.93 -6.10 -8.87
C PHE A 21 -0.46 -6.32 -9.44
N ASN A 22 -0.95 -7.57 -9.39
CA ASN A 22 -2.28 -7.92 -9.90
C ASN A 22 -3.39 -6.93 -9.30
N PRO A 23 -4.19 -6.16 -10.15
CA PRO A 23 -5.22 -5.16 -9.61
C PRO A 23 -6.40 -5.86 -8.92
N ARG A 24 -6.55 -7.20 -9.16
CA ARG A 24 -7.66 -8.00 -8.58
C ARG A 24 -7.26 -8.61 -7.23
N ALA A 25 -5.97 -8.45 -6.84
CA ALA A 25 -5.49 -8.96 -5.53
C ALA A 25 -6.09 -8.07 -4.43
N THR A 26 -6.20 -8.61 -3.21
CA THR A 26 -6.76 -7.89 -2.05
C THR A 26 -5.61 -7.31 -1.22
N PHE A 27 -5.94 -6.37 -0.33
CA PHE A 27 -4.99 -5.73 0.57
C PHE A 27 -4.30 -6.79 1.50
N SER A 28 -5.11 -7.73 2.01
CA SER A 28 -4.62 -8.79 2.93
C SER A 28 -3.51 -9.65 2.24
N GLU A 29 -3.70 -9.98 0.94
CA GLU A 29 -2.70 -10.76 0.15
C GLU A 29 -1.41 -9.91 -0.06
N PHE A 30 -1.60 -8.61 -0.41
CA PHE A 30 -0.47 -7.67 -0.64
C PHE A 30 0.32 -7.42 0.69
N ALA A 31 -0.44 -7.17 1.78
CA ALA A 31 0.12 -6.91 3.14
C ALA A 31 0.85 -8.15 3.68
N ALA A 32 0.28 -9.35 3.42
CA ALA A 32 0.87 -10.64 3.86
C ALA A 32 2.29 -10.82 3.26
N LYS A 33 2.46 -10.40 1.97
CA LYS A 33 3.77 -10.49 1.28
C LYS A 33 4.78 -9.43 1.87
N HIS A 34 4.29 -8.17 2.09
CA HIS A 34 5.17 -7.05 2.61
C HIS A 34 5.10 -6.98 4.16
N ALA A 35 4.36 -7.93 4.80
CA ALA A 35 4.17 -7.94 6.30
C ALA A 35 5.54 -7.85 7.02
N LYS A 36 6.55 -8.57 6.49
CA LYS A 36 7.92 -8.59 7.08
C LYS A 36 8.72 -7.32 6.67
N ASP A 37 8.09 -6.40 5.88
CA ASP A 37 8.76 -5.14 5.41
C ASP A 37 8.65 -4.08 6.54
N SER A 38 9.81 -3.51 6.96
CA SER A 38 9.86 -2.48 8.05
C SER A 38 8.98 -1.26 7.67
N ARG A 39 8.83 -1.02 6.35
CA ARG A 39 8.01 0.06 5.79
C ARG A 39 6.52 -0.15 6.13
N PHE A 40 6.12 -1.44 6.30
CA PHE A 40 4.72 -1.80 6.65
C PHE A 40 4.40 -1.33 8.11
N LYS A 41 5.38 -1.61 9.02
CA LYS A 41 5.26 -1.30 10.48
C LYS A 41 5.40 0.22 10.73
N ALA A 42 5.82 1.01 9.70
CA ALA A 42 5.98 2.47 9.80
C ALA A 42 4.61 3.16 10.00
N ILE A 43 3.57 2.64 9.30
CA ILE A 43 2.18 3.16 9.41
C ILE A 43 1.52 2.47 10.61
N GLU A 44 0.92 3.26 11.53
CA GLU A 44 0.26 2.74 12.74
C GLU A 44 -1.21 2.38 12.42
N LYS A 45 -1.87 3.31 11.68
CA LYS A 45 -3.29 3.15 11.29
C LYS A 45 -3.41 2.14 10.13
N MET A 46 -4.50 1.32 10.18
CA MET A 46 -4.79 0.29 9.16
C MET A 46 -5.93 0.78 8.22
N LYS A 47 -6.80 1.68 8.74
CA LYS A 47 -7.95 2.24 7.97
C LYS A 47 -7.45 3.07 6.75
N ASP A 48 -6.36 3.85 6.97
CA ASP A 48 -5.75 4.70 5.92
C ASP A 48 -5.17 3.84 4.78
N ARG A 49 -4.63 2.66 5.15
CA ARG A 49 -4.00 1.73 4.16
C ARG A 49 -5.10 1.21 3.18
N GLU A 50 -6.29 0.82 3.77
CA GLU A 50 -7.44 0.30 2.97
C GLU A 50 -7.99 1.42 2.06
N ALA A 51 -8.13 2.65 2.63
CA ALA A 51 -8.65 3.81 1.88
C ALA A 51 -7.77 4.09 0.62
N LEU A 52 -6.43 4.14 0.85
CA LEU A 52 -5.45 4.39 -0.24
C LEU A 52 -5.48 3.24 -1.27
N PHE A 53 -5.55 1.97 -0.75
CA PHE A 53 -5.57 0.75 -1.60
C PHE A 53 -6.79 0.80 -2.56
N ASN A 54 -7.96 1.12 -1.99
CA ASN A 54 -9.23 1.21 -2.77
C ASN A 54 -9.08 2.33 -3.86
N GLU A 55 -8.46 3.48 -3.47
CA GLU A 55 -8.22 4.62 -4.39
C GLU A 55 -7.20 4.22 -5.47
N PHE A 56 -6.13 3.47 -5.06
CA PHE A 56 -5.05 3.05 -5.99
C PHE A 56 -5.61 2.14 -7.12
N VAL A 57 -6.42 1.13 -6.74
CA VAL A 57 -7.04 0.19 -7.72
C VAL A 57 -8.01 0.96 -8.64
N ALA A 58 -8.84 1.84 -8.04
CA ALA A 58 -9.83 2.65 -8.80
C ALA A 58 -9.10 3.65 -9.75
N ALA A 59 -7.98 4.26 -9.26
CA ALA A 59 -7.16 5.21 -10.05
C ALA A 59 -6.32 4.48 -11.13
N ALA A 60 -5.72 3.31 -10.75
CA ALA A 60 -4.84 2.51 -11.68
C ALA A 60 -5.68 1.93 -12.86
N ARG A 61 -6.91 1.44 -12.54
CA ARG A 61 -7.82 0.84 -13.57
C ARG A 61 -8.38 1.95 -14.51
N ILE A 5 8.22 15.51 6.40
CA ILE A 5 7.59 16.25 5.30
C ILE A 5 6.94 15.26 4.36
N MET A 6 5.79 14.72 4.81
CA MET A 6 4.99 13.75 4.02
C MET A 6 5.90 12.66 3.43
N GLN A 7 7.08 12.49 4.05
CA GLN A 7 8.06 11.55 3.56
C GLN A 7 7.50 10.15 3.63
N ALA A 8 6.87 9.82 4.77
CA ALA A 8 6.29 8.48 5.01
C ALA A 8 5.24 8.18 3.97
N LYS A 9 4.35 9.16 3.76
CA LYS A 9 3.26 9.01 2.79
C LYS A 9 3.80 8.84 1.36
N GLU A 10 4.79 9.67 1.01
CA GLU A 10 5.41 9.66 -0.33
C GLU A 10 6.12 8.34 -0.56
N ASP A 11 6.83 7.90 0.47
CA ASP A 11 7.58 6.62 0.41
C ASP A 11 6.61 5.46 0.19
N PHE A 12 5.45 5.54 0.88
CA PHE A 12 4.44 4.51 0.77
C PHE A 12 3.88 4.45 -0.64
N LYS A 13 3.51 5.62 -1.14
CA LYS A 13 2.94 5.73 -2.48
C LYS A 13 3.93 5.28 -3.52
N LYS A 14 5.17 5.73 -3.34
CA LYS A 14 6.23 5.44 -4.26
C LYS A 14 6.43 3.93 -4.35
N MET A 15 6.26 3.26 -3.24
CA MET A 15 6.43 1.83 -3.19
C MET A 15 5.26 1.14 -3.94
N MET A 16 4.05 1.63 -3.70
CA MET A 16 2.80 1.03 -4.29
C MET A 16 2.80 1.07 -5.81
N GLU A 17 3.21 2.20 -6.36
CA GLU A 17 3.23 2.35 -7.83
C GLU A 17 4.34 1.48 -8.45
N GLU A 18 5.47 1.36 -7.70
CA GLU A 18 6.64 0.55 -8.13
C GLU A 18 6.43 -0.92 -7.85
N ALA A 19 5.48 -1.22 -6.94
CA ALA A 19 5.20 -2.61 -6.54
C ALA A 19 4.07 -3.14 -7.35
N LYS A 20 3.61 -2.33 -8.35
CA LYS A 20 2.44 -2.69 -9.16
C LYS A 20 2.25 -4.22 -9.21
N PHE A 21 1.09 -4.67 -8.75
CA PHE A 21 0.76 -6.10 -8.65
C PHE A 21 -0.62 -6.33 -9.14
N ASN A 22 -0.97 -7.66 -9.24
CA ASN A 22 -2.28 -8.08 -9.73
C ASN A 22 -3.38 -7.18 -9.09
N PRO A 23 -4.03 -6.25 -9.86
CA PRO A 23 -5.10 -5.31 -9.31
C PRO A 23 -6.28 -6.06 -8.66
N ARG A 24 -6.57 -7.25 -9.19
CA ARG A 24 -7.71 -8.07 -8.72
C ARG A 24 -7.41 -8.73 -7.37
N ALA A 25 -6.14 -8.55 -6.89
CA ALA A 25 -5.71 -9.11 -5.59
C ALA A 25 -6.32 -8.22 -4.52
N THR A 26 -6.41 -8.75 -3.30
CA THR A 26 -6.97 -8.05 -2.15
C THR A 26 -5.84 -7.48 -1.33
N PHE A 27 -6.21 -6.59 -0.42
CA PHE A 27 -5.28 -5.93 0.49
C PHE A 27 -4.56 -6.98 1.38
N SER A 28 -5.35 -7.94 1.91
CA SER A 28 -4.82 -9.00 2.80
C SER A 28 -3.67 -9.77 2.11
N GLU A 29 -3.85 -10.05 0.82
CA GLU A 29 -2.80 -10.77 0.03
C GLU A 29 -1.58 -9.89 -0.18
N PHE A 30 -1.83 -8.62 -0.52
CA PHE A 30 -0.75 -7.66 -0.77
C PHE A 30 0.05 -7.39 0.54
N ALA A 31 -0.70 -7.17 1.64
CA ALA A 31 -0.11 -6.89 2.97
C ALA A 31 0.67 -8.08 3.46
N ALA A 32 0.15 -9.29 3.22
CA ALA A 32 0.81 -10.56 3.65
C ALA A 32 2.20 -10.66 3.03
N LYS A 33 2.31 -10.23 1.78
CA LYS A 33 3.58 -10.28 1.08
C LYS A 33 4.58 -9.20 1.62
N HIS A 34 4.06 -7.99 1.88
CA HIS A 34 4.89 -6.84 2.35
C HIS A 34 4.84 -6.75 3.85
N ALA A 35 4.12 -7.68 4.50
CA ALA A 35 3.92 -7.66 5.97
C ALA A 35 5.27 -7.52 6.68
N LYS A 36 6.30 -8.18 6.13
CA LYS A 36 7.67 -8.17 6.71
C LYS A 36 8.41 -6.92 6.34
N ASP A 37 7.83 -6.14 5.41
CA ASP A 37 8.46 -4.90 4.97
C ASP A 37 8.46 -3.90 6.15
N SER A 38 9.54 -3.13 6.30
CA SER A 38 9.67 -2.14 7.40
C SER A 38 8.67 -0.99 7.23
N ARG A 39 8.33 -0.68 5.98
CA ARG A 39 7.36 0.40 5.63
C ARG A 39 5.96 0.02 6.07
N PHE A 40 5.73 -1.28 6.21
CA PHE A 40 4.39 -1.78 6.60
C PHE A 40 4.08 -1.43 8.07
N LYS A 41 4.99 -1.79 8.96
CA LYS A 41 4.81 -1.57 10.42
C LYS A 41 5.07 -0.11 10.78
N ALA A 42 5.67 0.66 9.81
CA ALA A 42 5.99 2.10 10.00
C ALA A 42 4.70 2.87 10.23
N ILE A 43 3.65 2.47 9.53
CA ILE A 43 2.34 3.14 9.64
C ILE A 43 1.55 2.41 10.72
N GLU A 44 1.13 3.19 11.74
CA GLU A 44 0.34 2.66 12.87
C GLU A 44 -1.08 2.32 12.45
N LYS A 45 -1.71 3.26 11.69
CA LYS A 45 -3.09 3.09 11.23
C LYS A 45 -3.13 2.18 10.04
N MET A 46 -4.07 1.27 10.08
CA MET A 46 -4.28 0.30 8.99
C MET A 46 -5.39 0.77 8.07
N LYS A 47 -6.27 1.62 8.59
CA LYS A 47 -7.42 2.18 7.81
C LYS A 47 -6.95 3.00 6.65
N ASP A 48 -5.89 3.79 6.91
CA ASP A 48 -5.32 4.67 5.88
C ASP A 48 -4.78 3.83 4.71
N ARG A 49 -4.17 2.69 5.04
CA ARG A 49 -3.60 1.79 4.01
C ARG A 49 -4.69 1.22 3.15
N GLU A 50 -5.81 0.86 3.81
CA GLU A 50 -6.93 0.26 3.11
C GLU A 50 -7.53 1.30 2.14
N ALA A 51 -7.65 2.56 2.61
CA ALA A 51 -8.22 3.66 1.80
C ALA A 51 -7.38 3.85 0.53
N LEU A 52 -6.05 3.89 0.71
CA LEU A 52 -5.09 4.07 -0.42
C LEU A 52 -5.18 2.95 -1.40
N PHE A 53 -5.26 1.74 -0.86
CA PHE A 53 -5.36 0.54 -1.67
C PHE A 53 -6.59 0.62 -2.59
N ASN A 54 -7.74 0.99 -2.02
CA ASN A 54 -9.01 1.09 -2.78
C ASN A 54 -8.88 2.13 -3.90
N GLU A 55 -8.25 3.27 -3.55
CA GLU A 55 -8.02 4.37 -4.51
C GLU A 55 -7.02 3.99 -5.57
N PHE A 56 -5.96 3.26 -5.13
CA PHE A 56 -4.89 2.87 -6.03
C PHE A 56 -5.42 1.98 -7.15
N VAL A 57 -6.21 0.98 -6.78
CA VAL A 57 -6.80 0.03 -7.75
C VAL A 57 -7.76 0.78 -8.68
N ALA A 58 -8.62 1.62 -8.08
CA ALA A 58 -9.62 2.38 -8.85
C ALA A 58 -8.93 3.35 -9.81
N ALA A 59 -7.83 3.98 -9.34
CA ALA A 59 -7.06 4.95 -10.14
C ALA A 59 -6.22 4.25 -11.22
N ALA A 60 -5.57 3.11 -10.82
CA ALA A 60 -4.70 2.35 -11.75
C ALA A 60 -5.50 1.73 -12.87
N ARG A 61 -6.69 1.20 -12.51
CA ARG A 61 -7.55 0.55 -13.50
C ARG A 61 -8.15 1.57 -14.45
N ILE A 5 7.51 15.69 6.73
CA ILE A 5 7.64 16.09 5.28
C ILE A 5 6.91 15.04 4.43
N MET A 6 5.85 14.47 4.99
CA MET A 6 5.04 13.43 4.27
C MET A 6 5.96 12.36 3.62
N GLN A 7 7.15 12.16 4.23
CA GLN A 7 8.15 11.20 3.72
C GLN A 7 7.58 9.78 3.73
N ALA A 8 6.84 9.47 4.86
CA ALA A 8 6.23 8.14 5.06
C ALA A 8 5.21 7.87 3.96
N LYS A 9 4.33 8.87 3.70
CA LYS A 9 3.29 8.74 2.65
C LYS A 9 3.92 8.66 1.30
N GLU A 10 4.94 9.48 1.09
CA GLU A 10 5.60 9.50 -0.19
C GLU A 10 6.26 8.13 -0.47
N ASP A 11 6.91 7.61 0.59
CA ASP A 11 7.64 6.31 0.51
C ASP A 11 6.65 5.19 0.24
N PHE A 12 5.46 5.29 0.87
CA PHE A 12 4.42 4.29 0.69
C PHE A 12 3.95 4.25 -0.79
N LYS A 13 3.64 5.43 -1.36
CA LYS A 13 3.18 5.54 -2.76
C LYS A 13 4.22 5.08 -3.71
N LYS A 14 5.44 5.49 -3.38
CA LYS A 14 6.58 5.15 -4.20
C LYS A 14 6.72 3.63 -4.29
N MET A 15 6.50 2.97 -3.16
CA MET A 15 6.60 1.51 -3.13
C MET A 15 5.47 0.86 -3.95
N MET A 16 4.24 1.38 -3.77
CA MET A 16 3.00 0.81 -4.41
C MET A 16 3.06 0.87 -5.94
N GLU A 17 3.50 2.00 -6.47
CA GLU A 17 3.59 2.20 -7.94
C GLU A 17 4.69 1.30 -8.53
N GLU A 18 5.81 1.17 -7.74
CA GLU A 18 7.00 0.37 -8.14
C GLU A 18 6.78 -1.11 -7.88
N ALA A 19 5.81 -1.43 -6.98
CA ALA A 19 5.50 -2.82 -6.61
C ALA A 19 4.44 -3.36 -7.52
N LYS A 20 4.15 -2.62 -8.63
CA LYS A 20 3.05 -2.97 -9.56
C LYS A 20 2.72 -4.47 -9.44
N PHE A 21 1.48 -4.77 -9.03
CA PHE A 21 1.03 -6.14 -8.81
C PHE A 21 -0.34 -6.33 -9.39
N ASN A 22 -0.79 -7.60 -9.36
CA ASN A 22 -2.10 -7.96 -9.89
C ASN A 22 -3.21 -6.98 -9.34
N PRO A 23 -3.96 -6.27 -10.22
CA PRO A 23 -5.02 -5.26 -9.76
C PRO A 23 -6.23 -5.95 -9.10
N ARG A 24 -6.36 -7.28 -9.32
CA ARG A 24 -7.50 -8.06 -8.77
C ARG A 24 -7.18 -8.65 -7.42
N ALA A 25 -5.94 -8.43 -6.95
CA ALA A 25 -5.52 -8.90 -5.63
C ALA A 25 -6.17 -8.00 -4.59
N THR A 26 -6.33 -8.55 -3.38
CA THR A 26 -6.94 -7.85 -2.25
C THR A 26 -5.83 -7.31 -1.37
N PHE A 27 -6.24 -6.45 -0.44
CA PHE A 27 -5.34 -5.84 0.52
C PHE A 27 -4.67 -6.90 1.42
N SER A 28 -5.47 -7.87 1.90
CA SER A 28 -4.95 -8.96 2.78
C SER A 28 -3.80 -9.72 2.09
N GLU A 29 -3.95 -9.97 0.78
CA GLU A 29 -2.91 -10.68 -0.02
C GLU A 29 -1.67 -9.81 -0.23
N PHE A 30 -1.92 -8.55 -0.59
CA PHE A 30 -0.84 -7.59 -0.83
C PHE A 30 -0.03 -7.31 0.46
N ALA A 31 -0.78 -7.06 1.57
CA ALA A 31 -0.17 -6.75 2.89
C ALA A 31 0.59 -7.95 3.43
N ALA A 32 0.02 -9.16 3.22
CA ALA A 32 0.66 -10.44 3.69
C ALA A 32 2.05 -10.58 3.09
N LYS A 33 2.19 -10.17 1.83
CA LYS A 33 3.46 -10.26 1.13
C LYS A 33 4.46 -9.19 1.62
N HIS A 34 3.96 -7.94 1.83
CA HIS A 34 4.80 -6.79 2.25
C HIS A 34 4.76 -6.62 3.75
N ALA A 35 4.04 -7.53 4.44
CA ALA A 35 3.85 -7.45 5.92
C ALA A 35 5.20 -7.33 6.62
N LYS A 36 6.24 -8.03 6.08
CA LYS A 36 7.59 -8.03 6.67
C LYS A 36 8.37 -6.79 6.29
N ASP A 37 7.85 -6.02 5.31
CA ASP A 37 8.53 -4.80 4.87
C ASP A 37 8.39 -3.76 5.99
N SER A 38 9.46 -2.99 6.18
CA SER A 38 9.52 -1.92 7.21
C SER A 38 8.59 -0.76 6.83
N ARG A 39 8.49 -0.52 5.51
CA ARG A 39 7.63 0.57 4.94
C ARG A 39 6.17 0.32 5.24
N PHE A 40 5.83 -0.96 5.37
CA PHE A 40 4.45 -1.35 5.68
C PHE A 40 4.08 -0.92 7.14
N LYS A 41 5.01 -1.26 8.05
CA LYS A 41 4.88 -1.00 9.53
C LYS A 41 4.97 0.47 9.84
N ALA A 42 5.37 1.26 8.83
CA ALA A 42 5.51 2.71 8.98
C ALA A 42 4.14 3.34 9.27
N ILE A 43 3.08 2.81 8.63
CA ILE A 43 1.71 3.30 8.85
C ILE A 43 1.18 2.62 10.10
N GLU A 44 0.67 3.43 11.04
CA GLU A 44 0.10 2.95 12.30
C GLU A 44 -1.38 2.60 12.14
N LYS A 45 -2.12 3.51 11.46
CA LYS A 45 -3.59 3.34 11.27
C LYS A 45 -3.85 2.34 10.18
N MET A 46 -4.46 1.23 10.58
CA MET A 46 -4.82 0.15 9.65
C MET A 46 -5.89 0.61 8.67
N LYS A 47 -6.77 1.46 9.14
CA LYS A 47 -7.89 2.00 8.32
C LYS A 47 -7.36 2.77 7.15
N ASP A 48 -6.25 3.52 7.39
CA ASP A 48 -5.64 4.34 6.36
C ASP A 48 -5.06 3.43 5.24
N ARG A 49 -4.55 2.25 5.64
CA ARG A 49 -3.93 1.32 4.66
C ARG A 49 -4.97 0.87 3.67
N GLU A 50 -6.16 0.53 4.21
CA GLU A 50 -7.27 0.04 3.39
C GLU A 50 -7.73 1.15 2.43
N ALA A 51 -7.85 2.39 2.98
CA ALA A 51 -8.31 3.57 2.21
C ALA A 51 -7.41 3.78 0.98
N LEU A 52 -6.08 3.77 1.23
CA LEU A 52 -5.09 3.96 0.15
C LEU A 52 -5.14 2.85 -0.87
N PHE A 53 -5.27 1.63 -0.35
CA PHE A 53 -5.33 0.45 -1.20
C PHE A 53 -6.53 0.55 -2.18
N ASN A 54 -7.70 0.92 -1.62
CA ASN A 54 -8.95 1.04 -2.42
C ASN A 54 -8.80 2.12 -3.51
N GLU A 55 -8.17 3.25 -3.11
CA GLU A 55 -7.92 4.38 -4.03
C GLU A 55 -6.88 4.01 -5.07
N PHE A 56 -5.85 3.27 -4.63
CA PHE A 56 -4.76 2.88 -5.52
C PHE A 56 -5.29 2.02 -6.67
N VAL A 57 -6.11 1.02 -6.31
CA VAL A 57 -6.69 0.09 -7.32
C VAL A 57 -7.64 0.85 -8.25
N ALA A 58 -8.49 1.70 -7.65
CA ALA A 58 -9.49 2.48 -8.42
C ALA A 58 -8.78 3.48 -9.36
N ALA A 59 -7.69 4.11 -8.83
CA ALA A 59 -6.89 5.09 -9.59
C ALA A 59 -6.03 4.40 -10.67
N ALA A 60 -5.43 3.24 -10.30
CA ALA A 60 -4.54 2.48 -11.23
C ALA A 60 -5.34 1.93 -12.39
N ARG A 61 -6.55 1.41 -12.07
CA ARG A 61 -7.41 0.82 -13.10
C ARG A 61 -7.95 1.92 -14.04
N ILE A 5 7.85 15.95 6.54
CA ILE A 5 7.80 16.27 5.12
C ILE A 5 7.00 15.20 4.36
N MET A 6 5.97 14.67 5.01
CA MET A 6 5.16 13.63 4.40
C MET A 6 6.02 12.64 3.63
N GLN A 7 7.24 12.40 4.14
CA GLN A 7 8.16 11.49 3.47
C GLN A 7 7.62 10.07 3.51
N ALA A 8 7.01 9.70 4.62
CA ALA A 8 6.48 8.35 4.78
C ALA A 8 5.39 8.08 3.74
N LYS A 9 4.50 9.05 3.55
CA LYS A 9 3.42 8.91 2.59
C LYS A 9 3.95 8.77 1.18
N GLU A 10 4.96 9.57 0.86
CA GLU A 10 5.56 9.54 -0.47
C GLU A 10 6.27 8.21 -0.71
N ASP A 11 6.92 7.69 0.33
CA ASP A 11 7.62 6.42 0.23
C ASP A 11 6.64 5.29 -0.05
N PHE A 12 5.48 5.35 0.61
CA PHE A 12 4.46 4.32 0.42
C PHE A 12 3.94 4.34 -1.02
N LYS A 13 3.60 5.53 -1.50
CA LYS A 13 3.11 5.68 -2.87
C LYS A 13 4.18 5.26 -3.87
N LYS A 14 5.42 5.66 -3.61
CA LYS A 14 6.52 5.31 -4.49
C LYS A 14 6.67 3.80 -4.61
N MET A 15 6.38 3.09 -3.51
CA MET A 15 6.49 1.65 -3.50
C MET A 15 5.34 1.01 -4.27
N MET A 16 4.15 1.58 -4.12
CA MET A 16 2.95 1.01 -4.74
C MET A 16 3.04 1.09 -6.26
N GLU A 17 3.45 2.25 -6.75
CA GLU A 17 3.47 2.49 -8.19
C GLU A 17 4.52 1.63 -8.88
N GLU A 18 5.64 1.41 -8.20
CA GLU A 18 6.74 0.65 -8.76
C GLU A 18 6.56 -0.84 -8.46
N ALA A 19 5.57 -1.16 -7.63
CA ALA A 19 5.31 -2.54 -7.26
C ALA A 19 4.17 -3.12 -8.07
N LYS A 20 3.84 -2.44 -9.18
CA LYS A 20 2.73 -2.88 -10.01
C LYS A 20 2.43 -4.35 -9.79
N PHE A 21 1.21 -4.63 -9.30
CA PHE A 21 0.82 -6.00 -9.02
C PHE A 21 -0.60 -6.26 -9.53
N ASN A 22 -1.02 -7.52 -9.47
CA ASN A 22 -2.36 -7.89 -9.94
C ASN A 22 -3.41 -6.96 -9.34
N PRO A 23 -4.16 -6.30 -10.18
CA PRO A 23 -5.18 -5.31 -9.73
C PRO A 23 -6.39 -5.97 -9.06
N ARG A 24 -6.54 -7.27 -9.28
CA ARG A 24 -7.67 -8.00 -8.73
C ARG A 24 -7.33 -8.58 -7.37
N ALA A 25 -6.09 -8.33 -6.92
CA ALA A 25 -5.66 -8.82 -5.61
C ALA A 25 -6.26 -7.96 -4.50
N THR A 26 -6.32 -8.51 -3.29
CA THR A 26 -6.89 -7.80 -2.15
C THR A 26 -5.79 -7.24 -1.26
N PHE A 27 -6.17 -6.37 -0.33
CA PHE A 27 -5.20 -5.77 0.57
C PHE A 27 -4.54 -6.83 1.44
N SER A 28 -5.34 -7.78 1.92
CA SER A 28 -4.82 -8.85 2.77
C SER A 28 -3.70 -9.60 2.07
N GLU A 29 -3.89 -9.86 0.78
CA GLU A 29 -2.89 -10.58 0.01
C GLU A 29 -1.65 -9.73 -0.21
N PHE A 30 -1.86 -8.45 -0.52
CA PHE A 30 -0.75 -7.54 -0.76
C PHE A 30 0.03 -7.29 0.53
N ALA A 31 -0.70 -7.09 1.63
CA ALA A 31 -0.06 -6.81 2.91
C ALA A 31 0.72 -8.03 3.39
N ALA A 32 0.17 -9.22 3.15
CA ALA A 32 0.81 -10.45 3.58
C ALA A 32 2.21 -10.56 2.97
N LYS A 33 2.36 -10.06 1.74
CA LYS A 33 3.64 -10.11 1.06
C LYS A 33 4.59 -9.05 1.59
N HIS A 34 4.04 -7.87 1.90
CA HIS A 34 4.85 -6.76 2.37
C HIS A 34 4.81 -6.66 3.89
N ALA A 35 4.10 -7.59 4.51
CA ALA A 35 3.96 -7.59 5.97
C ALA A 35 5.33 -7.51 6.63
N LYS A 36 6.29 -8.23 6.07
CA LYS A 36 7.62 -8.32 6.68
C LYS A 36 8.44 -7.08 6.34
N ASP A 37 7.78 -6.07 5.80
CA ASP A 37 8.46 -4.82 5.46
C ASP A 37 8.41 -3.84 6.64
N SER A 38 9.51 -3.14 6.87
CA SER A 38 9.58 -2.18 7.97
C SER A 38 8.68 -0.99 7.69
N ARG A 39 8.38 -0.75 6.42
CA ARG A 39 7.52 0.36 6.04
C ARG A 39 6.07 0.08 6.42
N PHE A 40 5.76 -1.19 6.66
CA PHE A 40 4.41 -1.58 7.00
C PHE A 40 4.08 -1.20 8.45
N LYS A 41 4.97 -1.56 9.37
CA LYS A 41 4.75 -1.28 10.78
C LYS A 41 4.95 0.20 11.07
N ALA A 42 5.38 0.95 10.06
CA ALA A 42 5.63 2.37 10.22
C ALA A 42 4.32 3.12 10.50
N ILE A 43 3.24 2.66 9.88
CA ILE A 43 1.93 3.29 10.09
C ILE A 43 1.13 2.49 11.11
N GLU A 44 0.78 3.12 12.22
CA GLU A 44 0.04 2.46 13.28
C GLU A 44 -1.37 2.10 12.81
N LYS A 45 -1.99 3.03 12.10
CA LYS A 45 -3.37 2.83 11.62
C LYS A 45 -3.36 1.99 10.34
N MET A 46 -4.29 1.06 10.26
CA MET A 46 -4.43 0.22 9.07
C MET A 46 -5.56 0.71 8.19
N LYS A 47 -6.39 1.59 8.74
CA LYS A 47 -7.52 2.14 7.98
C LYS A 47 -7.02 2.98 6.81
N ASP A 48 -5.95 3.73 7.04
CA ASP A 48 -5.38 4.57 6.00
C ASP A 48 -4.82 3.72 4.86
N ARG A 49 -4.24 2.58 5.21
CA ARG A 49 -3.68 1.67 4.21
C ARG A 49 -4.79 1.11 3.33
N GLU A 50 -5.91 0.76 3.94
CA GLU A 50 -7.05 0.23 3.18
C GLU A 50 -7.60 1.30 2.23
N ALA A 51 -7.67 2.53 2.71
CA ALA A 51 -8.17 3.63 1.89
C ALA A 51 -7.28 3.82 0.65
N LEU A 52 -5.97 3.85 0.87
CA LEU A 52 -5.03 4.04 -0.23
C LEU A 52 -5.12 2.87 -1.21
N PHE A 53 -5.24 1.66 -0.67
CA PHE A 53 -5.34 0.46 -1.50
C PHE A 53 -6.57 0.55 -2.41
N ASN A 54 -7.70 0.92 -1.83
CA ASN A 54 -8.94 1.03 -2.59
C ASN A 54 -8.80 2.08 -3.69
N GLU A 55 -8.16 3.21 -3.35
CA GLU A 55 -7.97 4.29 -4.31
C GLU A 55 -6.96 3.89 -5.39
N PHE A 56 -5.94 3.14 -4.98
CA PHE A 56 -4.90 2.73 -5.91
C PHE A 56 -5.48 1.83 -7.00
N VAL A 57 -6.25 0.83 -6.58
CA VAL A 57 -6.86 -0.10 -7.53
C VAL A 57 -7.84 0.64 -8.44
N ALA A 58 -8.66 1.51 -7.85
CA ALA A 58 -9.64 2.25 -8.61
C ALA A 58 -8.96 3.22 -9.57
N ALA A 59 -7.87 3.83 -9.12
CA ALA A 59 -7.13 4.78 -9.94
C ALA A 59 -6.35 4.06 -11.03
N ALA A 60 -5.76 2.92 -10.67
CA ALA A 60 -4.94 2.16 -11.63
C ALA A 60 -5.80 1.61 -12.75
N ARG A 61 -6.98 1.12 -12.39
CA ARG A 61 -7.89 0.53 -13.38
C ARG A 61 -8.48 1.62 -14.27
N ILE A 5 8.05 16.38 5.88
CA ILE A 5 7.67 16.70 4.48
C ILE A 5 6.82 15.52 3.92
N MET A 6 5.92 14.96 4.76
CA MET A 6 5.03 13.80 4.35
C MET A 6 5.83 12.78 3.46
N GLN A 7 7.13 12.58 3.81
CA GLN A 7 8.04 11.69 3.06
C GLN A 7 7.48 10.24 3.08
N ALA A 8 6.87 9.88 4.24
CA ALA A 8 6.28 8.53 4.46
C ALA A 8 5.22 8.24 3.40
N LYS A 9 4.32 9.21 3.19
CA LYS A 9 3.24 9.07 2.21
C LYS A 9 3.80 8.98 0.76
N GLU A 10 4.78 9.84 0.44
CA GLU A 10 5.40 9.88 -0.91
C GLU A 10 6.16 8.56 -1.18
N ASP A 11 6.89 8.12 -0.14
CA ASP A 11 7.69 6.86 -0.18
C ASP A 11 6.73 5.67 -0.37
N PHE A 12 5.56 5.74 0.31
CA PHE A 12 4.55 4.67 0.24
C PHE A 12 4.00 4.57 -1.19
N LYS A 13 3.60 5.73 -1.73
CA LYS A 13 3.02 5.82 -3.07
C LYS A 13 4.04 5.36 -4.11
N LYS A 14 5.27 5.82 -3.90
CA LYS A 14 6.39 5.51 -4.78
C LYS A 14 6.55 3.99 -4.85
N MET A 15 6.41 3.34 -3.71
CA MET A 15 6.54 1.89 -3.63
C MET A 15 5.37 1.19 -4.38
N MET A 16 4.12 1.72 -4.18
CA MET A 16 2.89 1.12 -4.76
C MET A 16 2.87 1.14 -6.31
N GLU A 17 3.29 2.26 -6.90
CA GLU A 17 3.33 2.41 -8.38
C GLU A 17 4.44 1.51 -8.97
N GLU A 18 5.58 1.43 -8.23
CA GLU A 18 6.77 0.60 -8.63
C GLU A 18 6.56 -0.89 -8.30
N ALA A 19 5.62 -1.18 -7.36
CA ALA A 19 5.33 -2.57 -6.94
C ALA A 19 4.24 -3.14 -7.82
N LYS A 20 3.91 -2.41 -8.95
CA LYS A 20 2.78 -2.77 -9.84
C LYS A 20 2.47 -4.27 -9.69
N PHE A 21 1.25 -4.58 -9.22
CA PHE A 21 0.82 -5.96 -8.92
C PHE A 21 -0.56 -6.19 -9.47
N ASN A 22 -1.02 -7.45 -9.39
CA ASN A 22 -2.37 -7.83 -9.89
C ASN A 22 -3.46 -6.82 -9.33
N PRO A 23 -4.24 -6.11 -10.19
CA PRO A 23 -5.27 -5.10 -9.72
C PRO A 23 -6.46 -5.78 -9.01
N ARG A 24 -6.61 -7.11 -9.22
CA ARG A 24 -7.74 -7.89 -8.63
C ARG A 24 -7.37 -8.48 -7.28
N ALA A 25 -6.12 -8.24 -6.84
CA ALA A 25 -5.65 -8.71 -5.53
C ALA A 25 -6.29 -7.80 -4.48
N THR A 26 -6.37 -8.32 -3.26
CA THR A 26 -6.96 -7.60 -2.12
C THR A 26 -5.83 -7.07 -1.26
N PHE A 27 -6.18 -6.17 -0.35
CA PHE A 27 -5.24 -5.58 0.60
C PHE A 27 -4.58 -6.67 1.50
N SER A 28 -5.41 -7.62 1.98
CA SER A 28 -4.94 -8.69 2.88
C SER A 28 -3.82 -9.52 2.21
N GLU A 29 -4.00 -9.84 0.91
CA GLU A 29 -2.99 -10.60 0.12
C GLU A 29 -1.74 -9.76 -0.13
N PHE A 30 -1.93 -8.49 -0.50
CA PHE A 30 -0.82 -7.56 -0.75
C PHE A 30 -0.03 -7.27 0.57
N ALA A 31 -0.78 -7.03 1.66
CA ALA A 31 -0.21 -6.73 2.99
C ALA A 31 0.58 -7.95 3.52
N ALA A 32 0.04 -9.16 3.27
CA ALA A 32 0.69 -10.43 3.71
C ALA A 32 2.11 -10.57 3.10
N LYS A 33 2.24 -10.16 1.83
CA LYS A 33 3.54 -10.19 1.12
C LYS A 33 4.52 -9.10 1.66
N HIS A 34 3.98 -7.88 1.91
CA HIS A 34 4.80 -6.72 2.38
C HIS A 34 4.72 -6.64 3.92
N ALA A 35 4.00 -7.59 4.56
CA ALA A 35 3.78 -7.57 6.05
C ALA A 35 5.12 -7.46 6.79
N LYS A 36 6.16 -8.15 6.26
CA LYS A 36 7.51 -8.15 6.85
C LYS A 36 8.24 -6.83 6.56
N ASP A 37 7.68 -6.03 5.61
CA ASP A 37 8.30 -4.72 5.23
C ASP A 37 8.26 -3.80 6.47
N SER A 38 9.33 -3.01 6.68
CA SER A 38 9.44 -2.09 7.84
C SER A 38 8.37 -0.97 7.75
N ARG A 39 7.96 -0.67 6.50
CA ARG A 39 6.94 0.37 6.21
C ARG A 39 5.54 -0.07 6.68
N PHE A 40 5.33 -1.39 6.77
CA PHE A 40 4.02 -1.92 7.18
C PHE A 40 3.73 -1.57 8.69
N LYS A 41 4.70 -1.92 9.56
CA LYS A 41 4.60 -1.70 11.03
C LYS A 41 4.80 -0.21 11.40
N ALA A 42 5.35 0.56 10.44
CA ALA A 42 5.60 2.01 10.63
C ALA A 42 4.26 2.74 10.83
N ILE A 43 3.21 2.25 10.14
CA ILE A 43 1.87 2.84 10.24
C ILE A 43 1.11 2.06 11.31
N GLU A 44 0.70 2.79 12.36
CA GLU A 44 -0.03 2.22 13.48
C GLU A 44 -1.45 1.79 13.04
N LYS A 45 -2.10 2.66 12.22
CA LYS A 45 -3.50 2.44 11.73
C LYS A 45 -3.48 1.86 10.31
N MET A 46 -3.83 0.59 10.23
CA MET A 46 -3.90 -0.12 8.95
C MET A 46 -5.09 0.37 8.11
N LYS A 47 -5.96 1.18 8.73
CA LYS A 47 -7.15 1.74 8.06
C LYS A 47 -6.72 2.69 6.94
N ASP A 48 -5.68 3.49 7.23
CA ASP A 48 -5.16 4.46 6.26
C ASP A 48 -4.57 3.72 5.04
N ARG A 49 -3.92 2.57 5.30
CA ARG A 49 -3.31 1.76 4.23
C ARG A 49 -4.39 1.23 3.27
N GLU A 50 -5.53 0.80 3.88
CA GLU A 50 -6.66 0.26 3.11
C GLU A 50 -7.22 1.35 2.16
N ALA A 51 -7.34 2.61 2.68
CA ALA A 51 -7.89 3.75 1.91
C ALA A 51 -7.08 3.92 0.60
N LEU A 52 -5.73 3.95 0.76
CA LEU A 52 -4.80 4.09 -0.40
C LEU A 52 -4.87 2.92 -1.33
N PHE A 53 -4.94 1.72 -0.75
CA PHE A 53 -4.99 0.47 -1.53
C PHE A 53 -6.24 0.50 -2.45
N ASN A 54 -7.40 0.85 -1.86
CA ASN A 54 -8.69 0.90 -2.59
C ASN A 54 -8.61 1.96 -3.71
N GLU A 55 -7.99 3.11 -3.37
CA GLU A 55 -7.83 4.23 -4.32
C GLU A 55 -6.86 3.83 -5.43
N PHE A 56 -5.75 3.13 -5.04
CA PHE A 56 -4.70 2.73 -5.99
C PHE A 56 -5.27 1.80 -7.07
N VAL A 57 -6.01 0.77 -6.60
CA VAL A 57 -6.65 -0.23 -7.52
C VAL A 57 -7.68 0.47 -8.43
N ALA A 58 -8.53 1.33 -7.79
CA ALA A 58 -9.59 2.05 -8.52
C ALA A 58 -8.97 3.03 -9.54
N ALA A 59 -7.88 3.72 -9.13
CA ALA A 59 -7.14 4.68 -9.99
C ALA A 59 -6.35 3.97 -11.11
N ALA A 60 -5.68 2.83 -10.74
CA ALA A 60 -4.85 2.05 -11.69
C ALA A 60 -5.72 1.43 -12.78
N ARG A 61 -6.88 0.90 -12.36
CA ARG A 61 -7.83 0.25 -13.30
C ARG A 61 -8.46 1.29 -14.22
N ILE A 5 7.50 15.80 6.25
CA ILE A 5 7.76 16.20 4.85
C ILE A 5 7.05 15.19 3.91
N MET A 6 5.86 14.68 4.40
CA MET A 6 5.04 13.69 3.63
C MET A 6 5.96 12.55 3.08
N GLN A 7 7.14 12.37 3.75
CA GLN A 7 8.15 11.37 3.34
C GLN A 7 7.55 9.96 3.36
N ALA A 8 6.80 9.65 4.44
CA ALA A 8 6.14 8.33 4.60
C ALA A 8 5.15 8.09 3.44
N LYS A 9 4.29 9.10 3.15
CA LYS A 9 3.28 9.04 2.05
C LYS A 9 3.99 8.98 0.68
N GLU A 10 5.07 9.77 0.53
CA GLU A 10 5.82 9.82 -0.74
C GLU A 10 6.42 8.41 -1.04
N ASP A 11 6.93 7.78 0.03
CA ASP A 11 7.52 6.42 -0.06
C ASP A 11 6.41 5.38 -0.35
N PHE A 12 5.18 5.64 0.18
CA PHE A 12 4.04 4.71 0.00
C PHE A 12 3.61 4.60 -1.49
N LYS A 13 3.33 5.75 -2.12
CA LYS A 13 2.90 5.79 -3.55
C LYS A 13 4.02 5.29 -4.48
N LYS A 14 5.27 5.69 -4.11
CA LYS A 14 6.47 5.34 -4.88
C LYS A 14 6.63 3.81 -4.93
N MET A 15 6.43 3.17 -3.79
CA MET A 15 6.57 1.70 -3.71
C MET A 15 5.42 1.00 -4.50
N MET A 16 4.18 1.48 -4.31
CA MET A 16 2.96 0.88 -4.95
C MET A 16 2.99 0.96 -6.49
N GLU A 17 3.41 2.12 -7.02
CA GLU A 17 3.46 2.33 -8.51
C GLU A 17 4.59 1.46 -9.11
N GLU A 18 5.75 1.37 -8.35
CA GLU A 18 6.94 0.55 -8.76
C GLU A 18 6.75 -0.95 -8.45
N ALA A 19 5.85 -1.27 -7.49
CA ALA A 19 5.59 -2.69 -7.08
C ALA A 19 4.48 -3.26 -7.94
N LYS A 20 4.13 -2.53 -9.08
CA LYS A 20 2.98 -2.92 -9.96
C LYS A 20 2.69 -4.41 -9.80
N PHE A 21 1.48 -4.70 -9.32
CA PHE A 21 1.05 -6.08 -9.02
C PHE A 21 -0.35 -6.30 -9.57
N ASN A 22 -0.81 -7.56 -9.50
CA ASN A 22 -2.14 -7.95 -9.99
C ASN A 22 -3.26 -6.94 -9.44
N PRO A 23 -4.05 -6.24 -10.31
CA PRO A 23 -5.09 -5.22 -9.84
C PRO A 23 -6.28 -5.88 -9.12
N ARG A 24 -6.45 -7.21 -9.35
CA ARG A 24 -7.57 -7.99 -8.74
C ARG A 24 -7.18 -8.54 -7.35
N ALA A 25 -5.91 -8.33 -6.95
CA ALA A 25 -5.44 -8.79 -5.63
C ALA A 25 -6.11 -7.93 -4.55
N THR A 26 -6.25 -8.50 -3.34
CA THR A 26 -6.86 -7.82 -2.21
C THR A 26 -5.75 -7.22 -1.34
N PHE A 27 -6.15 -6.30 -0.45
CA PHE A 27 -5.22 -5.65 0.48
C PHE A 27 -4.56 -6.69 1.42
N SER A 28 -5.38 -7.62 1.94
CA SER A 28 -4.90 -8.66 2.88
C SER A 28 -3.81 -9.52 2.23
N GLU A 29 -3.98 -9.81 0.92
CA GLU A 29 -2.99 -10.58 0.16
C GLU A 29 -1.70 -9.73 -0.08
N PHE A 30 -1.91 -8.45 -0.48
CA PHE A 30 -0.78 -7.52 -0.73
C PHE A 30 0.02 -7.22 0.58
N ALA A 31 -0.75 -6.97 1.67
CA ALA A 31 -0.17 -6.65 3.00
C ALA A 31 0.60 -7.88 3.54
N ALA A 32 0.05 -9.09 3.32
CA ALA A 32 0.68 -10.36 3.78
C ALA A 32 2.09 -10.50 3.17
N LYS A 33 2.23 -10.07 1.90
CA LYS A 33 3.54 -10.12 1.20
C LYS A 33 4.53 -9.06 1.78
N HIS A 34 4.02 -7.82 2.02
CA HIS A 34 4.87 -6.70 2.54
C HIS A 34 4.75 -6.58 4.06
N ALA A 35 4.00 -7.50 4.69
CA ALA A 35 3.74 -7.47 6.17
C ALA A 35 5.07 -7.41 6.94
N LYS A 36 6.10 -8.11 6.41
CA LYS A 36 7.43 -8.16 7.06
C LYS A 36 8.22 -6.88 6.75
N ASP A 37 7.73 -6.08 5.76
CA ASP A 37 8.40 -4.81 5.39
C ASP A 37 8.21 -3.80 6.56
N SER A 38 9.26 -3.03 6.87
CA SER A 38 9.23 -2.03 7.98
C SER A 38 8.17 -0.93 7.70
N ARG A 39 7.84 -0.79 6.40
CA ARG A 39 6.81 0.18 5.90
C ARG A 39 5.43 -0.15 6.46
N PHE A 40 5.19 -1.46 6.65
CA PHE A 40 3.91 -1.94 7.22
C PHE A 40 3.79 -1.53 8.73
N LYS A 41 4.91 -1.73 9.48
CA LYS A 41 4.95 -1.46 10.96
C LYS A 41 5.13 0.05 11.23
N ALA A 42 5.51 0.81 10.19
CA ALA A 42 5.69 2.28 10.27
C ALA A 42 4.32 2.96 10.51
N ILE A 43 3.26 2.41 9.87
CA ILE A 43 1.89 2.96 10.01
C ILE A 43 1.15 2.16 11.10
N GLU A 44 0.76 2.89 12.17
CA GLU A 44 0.04 2.30 13.32
C GLU A 44 -1.41 1.91 12.93
N LYS A 45 -2.06 2.80 12.13
CA LYS A 45 -3.46 2.61 11.66
C LYS A 45 -3.48 1.94 10.28
N MET A 46 -3.85 0.64 10.27
CA MET A 46 -3.96 -0.15 9.03
C MET A 46 -5.17 0.33 8.20
N LYS A 47 -6.03 1.17 8.83
CA LYS A 47 -7.24 1.73 8.17
C LYS A 47 -6.83 2.65 7.01
N ASP A 48 -5.77 3.47 7.26
CA ASP A 48 -5.26 4.42 6.25
C ASP A 48 -4.68 3.64 5.05
N ARG A 49 -4.03 2.49 5.35
CA ARG A 49 -3.43 1.65 4.28
C ARG A 49 -4.55 1.07 3.39
N GLU A 50 -5.66 0.63 4.03
CA GLU A 50 -6.83 0.04 3.30
C GLU A 50 -7.46 1.12 2.40
N ALA A 51 -7.62 2.35 2.94
CA ALA A 51 -8.22 3.48 2.19
C ALA A 51 -7.40 3.78 0.91
N LEU A 52 -6.07 3.88 1.09
CA LEU A 52 -5.11 4.14 -0.03
C LEU A 52 -5.14 3.00 -1.05
N PHE A 53 -5.20 1.76 -0.54
CA PHE A 53 -5.22 0.55 -1.40
C PHE A 53 -6.47 0.60 -2.34
N ASN A 54 -7.64 0.93 -1.75
CA ASN A 54 -8.92 1.01 -2.52
C ASN A 54 -8.81 2.11 -3.61
N GLU A 55 -8.19 3.27 -3.23
CA GLU A 55 -7.99 4.41 -4.16
C GLU A 55 -6.97 4.05 -5.24
N PHE A 56 -5.89 3.32 -4.83
CA PHE A 56 -4.80 2.93 -5.76
C PHE A 56 -5.37 2.03 -6.89
N VAL A 57 -6.15 0.99 -6.50
CA VAL A 57 -6.75 0.05 -7.49
C VAL A 57 -7.76 0.79 -8.38
N ALA A 58 -8.62 1.64 -7.75
CA ALA A 58 -9.64 2.41 -8.49
C ALA A 58 -8.99 3.43 -9.45
N ALA A 59 -7.89 4.07 -8.98
CA ALA A 59 -7.12 5.06 -9.80
C ALA A 59 -6.28 4.36 -10.90
N ALA A 60 -5.62 3.23 -10.52
CA ALA A 60 -4.76 2.46 -11.47
C ALA A 60 -5.60 1.82 -12.59
N ARG A 61 -6.78 1.27 -12.21
CA ARG A 61 -7.70 0.61 -13.17
C ARG A 61 -8.37 1.66 -14.06
N ILE A 5 7.73 16.17 6.60
CA ILE A 5 7.28 16.50 5.21
C ILE A 5 6.48 15.27 4.64
N MET A 6 5.61 14.64 5.49
CA MET A 6 4.79 13.45 5.07
C MET A 6 5.64 12.49 4.16
N GLN A 7 6.95 12.35 4.51
CA GLN A 7 7.90 11.51 3.72
C GLN A 7 7.44 10.03 3.72
N ALA A 8 6.89 9.57 4.88
CA ALA A 8 6.39 8.17 5.03
C ALA A 8 5.28 7.91 3.99
N LYS A 9 4.37 8.90 3.84
CA LYS A 9 3.22 8.78 2.90
C LYS A 9 3.70 8.71 1.42
N GLU A 10 4.69 9.57 1.06
CA GLU A 10 5.28 9.61 -0.31
C GLU A 10 6.03 8.29 -0.59
N ASP A 11 6.74 7.78 0.45
CA ASP A 11 7.52 6.51 0.36
C ASP A 11 6.54 5.33 0.11
N PHE A 12 5.35 5.39 0.78
CA PHE A 12 4.31 4.33 0.61
C PHE A 12 3.82 4.29 -0.86
N LYS A 13 3.47 5.48 -1.42
CA LYS A 13 2.99 5.60 -2.84
C LYS A 13 4.05 5.16 -3.81
N LYS A 14 5.30 5.59 -3.52
CA LYS A 14 6.45 5.27 -4.35
C LYS A 14 6.61 3.73 -4.45
N MET A 15 6.42 3.05 -3.30
CA MET A 15 6.54 1.58 -3.26
C MET A 15 5.39 0.91 -4.08
N MET A 16 4.15 1.43 -3.90
CA MET A 16 2.91 0.87 -4.57
C MET A 16 2.98 0.97 -6.12
N GLU A 17 3.45 2.14 -6.63
CA GLU A 17 3.56 2.38 -8.11
C GLU A 17 4.71 1.49 -8.70
N GLU A 18 5.74 1.20 -7.83
CA GLU A 18 6.93 0.36 -8.22
C GLU A 18 6.70 -1.14 -7.90
N ALA A 19 5.72 -1.44 -7.01
CA ALA A 19 5.40 -2.85 -6.59
C ALA A 19 4.32 -3.43 -7.49
N LYS A 20 3.93 -2.66 -8.58
CA LYS A 20 2.80 -3.05 -9.51
C LYS A 20 2.59 -4.55 -9.45
N PHE A 21 1.39 -4.94 -8.98
CA PHE A 21 1.02 -6.34 -8.76
C PHE A 21 -0.37 -6.56 -9.31
N ASN A 22 -0.80 -7.84 -9.32
CA ASN A 22 -2.13 -8.22 -9.83
C ASN A 22 -3.25 -7.23 -9.27
N PRO A 23 -4.01 -6.47 -10.13
CA PRO A 23 -5.06 -5.47 -9.66
C PRO A 23 -6.26 -6.16 -9.01
N ARG A 24 -6.41 -7.49 -9.26
CA ARG A 24 -7.55 -8.30 -8.73
C ARG A 24 -7.22 -8.90 -7.36
N ALA A 25 -5.96 -8.71 -6.90
CA ALA A 25 -5.54 -9.19 -5.57
C ALA A 25 -6.19 -8.29 -4.52
N THR A 26 -6.43 -8.84 -3.33
CA THR A 26 -7.06 -8.12 -2.21
C THR A 26 -5.95 -7.52 -1.34
N PHE A 27 -6.35 -6.65 -0.40
CA PHE A 27 -5.42 -6.00 0.53
C PHE A 27 -4.70 -7.05 1.42
N SER A 28 -5.47 -8.03 1.93
CA SER A 28 -4.91 -9.10 2.82
C SER A 28 -3.77 -9.88 2.09
N GLU A 29 -3.94 -10.11 0.78
CA GLU A 29 -2.90 -10.81 -0.05
C GLU A 29 -1.67 -9.90 -0.28
N PHE A 30 -1.93 -8.61 -0.63
CA PHE A 30 -0.85 -7.62 -0.87
C PHE A 30 -0.07 -7.33 0.46
N ALA A 31 -0.83 -7.11 1.55
CA ALA A 31 -0.25 -6.80 2.90
C ALA A 31 0.54 -7.99 3.42
N ALA A 32 0.01 -9.22 3.22
CA ALA A 32 0.69 -10.47 3.67
C ALA A 32 2.08 -10.59 2.99
N LYS A 33 2.15 -10.18 1.71
CA LYS A 33 3.42 -10.21 0.94
C LYS A 33 4.42 -9.13 1.43
N HIS A 34 3.91 -7.90 1.65
CA HIS A 34 4.74 -6.73 2.09
C HIS A 34 4.71 -6.58 3.63
N ALA A 35 4.00 -7.50 4.32
CA ALA A 35 3.84 -7.45 5.81
C ALA A 35 5.22 -7.31 6.50
N LYS A 36 6.24 -7.97 5.91
CA LYS A 36 7.61 -7.96 6.48
C LYS A 36 8.34 -6.65 6.14
N ASP A 37 7.76 -5.84 5.21
CA ASP A 37 8.38 -4.55 4.82
C ASP A 37 8.32 -3.57 6.02
N SER A 38 9.37 -2.78 6.19
CA SER A 38 9.48 -1.79 7.29
C SER A 38 8.43 -0.66 7.14
N ARG A 39 8.13 -0.32 5.88
CA ARG A 39 7.15 0.76 5.53
C ARG A 39 5.73 0.35 5.96
N PHE A 40 5.49 -0.97 6.05
CA PHE A 40 4.14 -1.50 6.40
C PHE A 40 3.79 -1.17 7.89
N LYS A 41 4.72 -1.56 8.81
CA LYS A 41 4.55 -1.38 10.28
C LYS A 41 4.77 0.10 10.67
N ALA A 42 5.38 0.89 9.74
CA ALA A 42 5.70 2.34 9.98
C ALA A 42 4.38 3.12 10.15
N ILE A 43 3.36 2.72 9.40
CA ILE A 43 2.02 3.34 9.50
C ILE A 43 1.28 2.61 10.64
N GLU A 44 0.90 3.37 11.69
CA GLU A 44 0.19 2.82 12.86
C GLU A 44 -1.26 2.46 12.46
N LYS A 45 -1.91 3.40 11.71
CA LYS A 45 -3.32 3.26 11.30
C LYS A 45 -3.45 2.35 10.06
N MET A 46 -3.95 1.14 10.30
CA MET A 46 -4.19 0.12 9.25
C MET A 46 -5.31 0.59 8.29
N LYS A 47 -6.21 1.45 8.83
CA LYS A 47 -7.35 2.02 8.07
C LYS A 47 -6.86 2.88 6.89
N ASP A 48 -5.78 3.65 7.13
CA ASP A 48 -5.20 4.53 6.10
C ASP A 48 -4.63 3.67 4.94
N ARG A 49 -4.03 2.49 5.29
CA ARG A 49 -3.46 1.59 4.25
C ARG A 49 -4.60 1.03 3.36
N GLU A 50 -5.74 0.65 4.01
CA GLU A 50 -6.92 0.10 3.29
C GLU A 50 -7.51 1.19 2.35
N ALA A 51 -7.61 2.44 2.86
CA ALA A 51 -8.15 3.59 2.08
C ALA A 51 -7.29 3.83 0.80
N LEU A 52 -5.95 3.86 0.99
CA LEU A 52 -4.96 4.06 -0.11
C LEU A 52 -5.04 2.92 -1.13
N PHE A 53 -5.15 1.68 -0.62
CA PHE A 53 -5.25 0.48 -1.49
C PHE A 53 -6.49 0.59 -2.40
N ASN A 54 -7.65 0.93 -1.81
CA ASN A 54 -8.93 1.06 -2.57
C ASN A 54 -8.79 2.18 -3.62
N GLU A 55 -8.16 3.31 -3.19
CA GLU A 55 -7.94 4.48 -4.09
C GLU A 55 -6.92 4.15 -5.19
N PHE A 56 -5.85 3.41 -4.81
CA PHE A 56 -4.76 3.04 -5.76
C PHE A 56 -5.32 2.17 -6.90
N VAL A 57 -6.10 1.12 -6.55
CA VAL A 57 -6.72 0.20 -7.55
C VAL A 57 -7.72 0.97 -8.44
N ALA A 58 -8.57 1.80 -7.79
CA ALA A 58 -9.60 2.59 -8.50
C ALA A 58 -8.94 3.63 -9.45
N ALA A 59 -7.83 4.26 -8.97
CA ALA A 59 -7.07 5.27 -9.76
C ALA A 59 -6.21 4.58 -10.86
N ALA A 60 -5.55 3.45 -10.50
CA ALA A 60 -4.67 2.69 -11.45
C ALA A 60 -5.51 2.06 -12.58
N ARG A 61 -6.68 1.45 -12.20
CA ARG A 61 -7.57 0.80 -13.20
C ARG A 61 -8.26 1.86 -14.07
N ILE A 5 6.95 16.19 6.34
CA ILE A 5 7.17 16.56 4.91
C ILE A 5 6.49 15.50 3.97
N MET A 6 5.42 14.82 4.51
CA MET A 6 4.69 13.76 3.75
C MET A 6 5.71 12.73 3.14
N GLN A 7 6.93 12.68 3.74
CA GLN A 7 8.02 11.78 3.25
C GLN A 7 7.58 10.30 3.31
N ALA A 8 6.98 9.91 4.46
CA ALA A 8 6.47 8.53 4.65
C ALA A 8 5.37 8.23 3.62
N LYS A 9 4.48 9.23 3.40
CA LYS A 9 3.34 9.08 2.44
C LYS A 9 3.84 8.94 0.99
N GLU A 10 4.83 9.78 0.62
CA GLU A 10 5.45 9.76 -0.73
C GLU A 10 6.22 8.43 -0.95
N ASP A 11 6.92 7.97 0.10
CA ASP A 11 7.69 6.70 0.04
C ASP A 11 6.71 5.52 -0.20
N PHE A 12 5.51 5.59 0.44
CA PHE A 12 4.46 4.55 0.28
C PHE A 12 3.98 4.49 -1.22
N LYS A 13 3.70 5.67 -1.82
CA LYS A 13 3.23 5.79 -3.25
C LYS A 13 4.30 5.26 -4.22
N LYS A 14 5.56 5.63 -3.95
CA LYS A 14 6.70 5.21 -4.78
C LYS A 14 6.82 3.68 -4.76
N MET A 15 6.59 3.09 -3.58
CA MET A 15 6.67 1.63 -3.45
C MET A 15 5.49 0.94 -4.24
N MET A 16 4.25 1.47 -4.05
CA MET A 16 3.00 0.89 -4.68
C MET A 16 3.04 0.93 -6.23
N GLU A 17 3.49 2.07 -6.81
CA GLU A 17 3.55 2.22 -8.29
C GLU A 17 4.68 1.31 -8.88
N GLU A 18 5.81 1.21 -8.11
CA GLU A 18 7.00 0.36 -8.49
C GLU A 18 6.77 -1.14 -8.13
N ALA A 19 5.85 -1.41 -7.19
CA ALA A 19 5.55 -2.81 -6.75
C ALA A 19 4.44 -3.38 -7.63
N LYS A 20 4.06 -2.63 -8.72
CA LYS A 20 2.92 -3.00 -9.62
C LYS A 20 2.68 -4.51 -9.53
N PHE A 21 1.47 -4.86 -9.06
CA PHE A 21 1.08 -6.26 -8.83
C PHE A 21 -0.31 -6.49 -9.37
N ASN A 22 -0.75 -7.77 -9.36
CA ASN A 22 -2.09 -8.15 -9.86
C ASN A 22 -3.20 -7.14 -9.30
N PRO A 23 -3.96 -6.41 -10.18
CA PRO A 23 -5.00 -5.40 -9.71
C PRO A 23 -6.22 -6.08 -9.03
N ARG A 24 -6.37 -7.42 -9.27
CA ARG A 24 -7.50 -8.22 -8.69
C ARG A 24 -7.15 -8.77 -7.31
N ALA A 25 -5.88 -8.59 -6.88
CA ALA A 25 -5.45 -9.05 -5.55
C ALA A 25 -6.11 -8.13 -4.51
N THR A 26 -6.35 -8.68 -3.32
CA THR A 26 -6.97 -7.94 -2.21
C THR A 26 -5.88 -7.35 -1.33
N PHE A 27 -6.28 -6.48 -0.39
CA PHE A 27 -5.35 -5.85 0.56
C PHE A 27 -4.65 -6.92 1.44
N SER A 28 -5.43 -7.89 1.94
CA SER A 28 -4.89 -8.97 2.80
C SER A 28 -3.75 -9.75 2.09
N GLU A 29 -3.90 -9.98 0.77
CA GLU A 29 -2.87 -10.68 -0.05
C GLU A 29 -1.64 -9.77 -0.26
N PHE A 30 -1.90 -8.48 -0.59
CA PHE A 30 -0.81 -7.48 -0.81
C PHE A 30 -0.03 -7.23 0.52
N ALA A 31 -0.79 -7.04 1.62
CA ALA A 31 -0.23 -6.77 2.97
C ALA A 31 0.56 -7.98 3.48
N ALA A 32 0.03 -9.20 3.23
CA ALA A 32 0.69 -10.46 3.66
C ALA A 32 2.10 -10.56 3.03
N LYS A 33 2.22 -10.10 1.76
CA LYS A 33 3.51 -10.13 1.03
C LYS A 33 4.48 -9.03 1.59
N HIS A 34 3.94 -7.80 1.83
CA HIS A 34 4.76 -6.65 2.33
C HIS A 34 4.69 -6.55 3.87
N ALA A 35 3.98 -7.52 4.51
CA ALA A 35 3.79 -7.51 6.01
C ALA A 35 5.15 -7.38 6.73
N LYS A 36 6.18 -8.05 6.18
CA LYS A 36 7.54 -8.04 6.76
C LYS A 36 8.26 -6.72 6.40
N ASP A 37 7.70 -5.94 5.43
CA ASP A 37 8.32 -4.65 4.99
C ASP A 37 8.31 -3.66 6.17
N SER A 38 9.40 -2.88 6.31
CA SER A 38 9.54 -1.90 7.42
C SER A 38 8.49 -0.77 7.32
N ARG A 39 8.14 -0.41 6.07
CA ARG A 39 7.13 0.64 5.78
C ARG A 39 5.71 0.20 6.19
N PHE A 40 5.49 -1.13 6.26
CA PHE A 40 4.16 -1.66 6.62
C PHE A 40 3.84 -1.41 8.13
N LYS A 41 4.77 -1.83 9.01
CA LYS A 41 4.63 -1.69 10.49
C LYS A 41 4.82 -0.21 10.93
N ALA A 42 5.41 0.61 10.02
CA ALA A 42 5.67 2.06 10.27
C ALA A 42 4.36 2.81 10.49
N ILE A 43 3.30 2.36 9.79
CA ILE A 43 1.97 2.98 9.92
C ILE A 43 1.21 2.20 11.03
N GLU A 44 0.84 2.91 12.11
CA GLU A 44 0.12 2.33 13.28
C GLU A 44 -1.32 1.93 12.89
N LYS A 45 -1.99 2.84 12.12
CA LYS A 45 -3.37 2.63 11.66
C LYS A 45 -3.36 1.78 10.36
N MET A 46 -4.25 0.79 10.33
CA MET A 46 -4.41 -0.12 9.19
C MET A 46 -5.52 0.41 8.25
N LYS A 47 -6.45 1.21 8.84
CA LYS A 47 -7.59 1.81 8.10
C LYS A 47 -7.11 2.79 7.02
N ASP A 48 -6.06 3.58 7.34
CA ASP A 48 -5.52 4.57 6.38
C ASP A 48 -4.91 3.83 5.16
N ARG A 49 -4.24 2.70 5.41
CA ARG A 49 -3.65 1.89 4.32
C ARG A 49 -4.75 1.30 3.43
N GLU A 50 -5.87 0.87 4.05
CA GLU A 50 -7.01 0.28 3.31
C GLU A 50 -7.62 1.36 2.37
N ALA A 51 -7.75 2.61 2.89
CA ALA A 51 -8.32 3.74 2.08
C ALA A 51 -7.48 3.98 0.81
N LEU A 52 -6.13 4.03 0.99
CA LEU A 52 -5.18 4.24 -0.15
C LEU A 52 -5.20 3.08 -1.13
N PHE A 53 -5.26 1.86 -0.58
CA PHE A 53 -5.31 0.64 -1.41
C PHE A 53 -6.55 0.68 -2.35
N ASN A 54 -7.72 1.01 -1.75
CA ASN A 54 -8.99 1.10 -2.52
C ASN A 54 -8.89 2.19 -3.61
N GLU A 55 -8.27 3.34 -3.23
CA GLU A 55 -8.08 4.49 -4.16
C GLU A 55 -7.05 4.11 -5.25
N PHE A 56 -5.97 3.41 -4.84
CA PHE A 56 -4.87 3.02 -5.77
C PHE A 56 -5.41 2.10 -6.89
N VAL A 57 -6.19 1.05 -6.49
CA VAL A 57 -6.78 0.09 -7.47
C VAL A 57 -7.79 0.83 -8.38
N ALA A 58 -8.66 1.67 -7.75
CA ALA A 58 -9.69 2.44 -8.49
C ALA A 58 -9.03 3.45 -9.47
N ALA A 59 -7.94 4.12 -8.98
CA ALA A 59 -7.19 5.11 -9.79
C ALA A 59 -6.32 4.42 -10.90
N ALA A 60 -5.67 3.28 -10.53
CA ALA A 60 -4.79 2.51 -11.46
C ALA A 60 -5.61 1.91 -12.61
N ARG A 61 -6.81 1.37 -12.25
CA ARG A 61 -7.72 0.73 -13.23
C ARG A 61 -8.34 1.80 -14.18
N ILE A 5 7.87 15.82 7.16
CA ILE A 5 7.65 16.24 5.74
C ILE A 5 6.87 15.13 5.01
N MET A 6 5.90 14.51 5.71
CA MET A 6 5.07 13.40 5.13
C MET A 6 5.95 12.47 4.27
N GLN A 7 7.21 12.28 4.71
CA GLN A 7 8.18 11.46 3.96
C GLN A 7 7.69 10.02 3.88
N ALA A 8 7.10 9.54 5.00
CA ALA A 8 6.60 8.17 5.10
C ALA A 8 5.53 7.91 4.04
N LYS A 9 4.62 8.88 3.90
CA LYS A 9 3.52 8.77 2.93
C LYS A 9 4.06 8.76 1.48
N GLU A 10 5.04 9.65 1.21
CA GLU A 10 5.65 9.77 -0.13
C GLU A 10 6.37 8.46 -0.52
N ASP A 11 6.96 7.82 0.49
CA ASP A 11 7.67 6.55 0.31
C ASP A 11 6.66 5.42 0.02
N PHE A 12 5.47 5.50 0.66
CA PHE A 12 4.44 4.48 0.50
C PHE A 12 3.91 4.40 -0.96
N LYS A 13 3.49 5.56 -1.50
CA LYS A 13 2.96 5.64 -2.89
C LYS A 13 4.01 5.23 -3.88
N LYS A 14 5.25 5.68 -3.58
CA LYS A 14 6.40 5.42 -4.44
C LYS A 14 6.62 3.93 -4.55
N MET A 15 6.45 3.24 -3.43
CA MET A 15 6.64 1.80 -3.40
C MET A 15 5.50 1.08 -4.18
N MET A 16 4.26 1.55 -3.93
CA MET A 16 3.04 0.92 -4.53
C MET A 16 3.04 1.01 -6.06
N GLU A 17 3.42 2.17 -6.59
CA GLU A 17 3.44 2.39 -8.04
C GLU A 17 4.55 1.55 -8.69
N GLU A 18 5.69 1.44 -7.95
CA GLU A 18 6.89 0.68 -8.41
C GLU A 18 6.73 -0.82 -8.14
N ALA A 19 5.84 -1.17 -7.20
CA ALA A 19 5.60 -2.58 -6.82
C ALA A 19 4.49 -3.14 -7.66
N LYS A 20 4.08 -2.39 -8.72
CA LYS A 20 2.92 -2.76 -9.56
C LYS A 20 2.67 -4.27 -9.45
N PHE A 21 1.49 -4.64 -8.95
CA PHE A 21 1.14 -6.06 -8.72
C PHE A 21 -0.26 -6.32 -9.20
N ASN A 22 -0.65 -7.60 -9.17
CA ASN A 22 -1.99 -8.02 -9.62
C ASN A 22 -3.08 -7.06 -9.02
N PRO A 23 -3.83 -6.31 -9.86
CA PRO A 23 -4.88 -5.34 -9.37
C PRO A 23 -6.09 -6.04 -8.75
N ARG A 24 -6.25 -7.35 -9.08
CA ARG A 24 -7.40 -8.17 -8.60
C ARG A 24 -7.09 -8.80 -7.25
N ALA A 25 -5.85 -8.63 -6.78
CA ALA A 25 -5.43 -9.17 -5.48
C ALA A 25 -6.11 -8.34 -4.40
N THR A 26 -6.33 -8.95 -3.24
CA THR A 26 -6.96 -8.28 -2.10
C THR A 26 -5.88 -7.65 -1.24
N PHE A 27 -6.30 -6.73 -0.38
CA PHE A 27 -5.41 -6.04 0.55
C PHE A 27 -4.74 -7.04 1.51
N SER A 28 -5.54 -7.97 2.06
CA SER A 28 -5.06 -8.98 3.02
C SER A 28 -3.97 -9.83 2.36
N GLU A 29 -4.16 -10.12 1.07
CA GLU A 29 -3.18 -10.91 0.31
C GLU A 29 -1.89 -10.08 0.07
N PHE A 30 -2.10 -8.82 -0.37
CA PHE A 30 -0.99 -7.90 -0.64
C PHE A 30 -0.21 -7.55 0.64
N ALA A 31 -0.97 -7.24 1.70
CA ALA A 31 -0.38 -6.86 3.01
C ALA A 31 0.44 -8.03 3.59
N ALA A 32 -0.10 -9.25 3.46
CA ALA A 32 0.57 -10.47 3.96
C ALA A 32 1.93 -10.65 3.27
N LYS A 33 1.98 -10.31 1.98
CA LYS A 33 3.22 -10.45 1.21
C LYS A 33 4.27 -9.39 1.63
N HIS A 34 3.83 -8.13 1.80
CA HIS A 34 4.73 -7.00 2.15
C HIS A 34 4.69 -6.74 3.65
N ALA A 35 3.94 -7.57 4.40
CA ALA A 35 3.78 -7.40 5.86
C ALA A 35 5.16 -7.28 6.53
N LYS A 36 6.15 -7.98 5.99
CA LYS A 36 7.52 -8.01 6.56
C LYS A 36 8.28 -6.73 6.20
N ASP A 37 7.73 -5.94 5.27
CA ASP A 37 8.37 -4.70 4.86
C ASP A 37 8.31 -3.70 6.03
N SER A 38 9.40 -2.95 6.22
CA SER A 38 9.51 -1.94 7.30
C SER A 38 8.49 -0.81 7.09
N ARG A 39 8.21 -0.51 5.80
CA ARG A 39 7.25 0.55 5.41
C ARG A 39 5.85 0.20 5.90
N PHE A 40 5.60 -1.09 6.08
CA PHE A 40 4.30 -1.56 6.55
C PHE A 40 4.08 -1.15 8.03
N LYS A 41 5.12 -1.40 8.85
CA LYS A 41 5.10 -1.14 10.31
C LYS A 41 5.27 0.37 10.59
N ALA A 42 5.65 1.13 9.57
CA ALA A 42 5.84 2.57 9.67
C ALA A 42 4.48 3.24 9.97
N ILE A 43 3.41 2.72 9.34
CA ILE A 43 2.06 3.27 9.54
C ILE A 43 1.37 2.42 10.62
N GLU A 44 1.02 3.08 11.73
CA GLU A 44 0.36 2.42 12.86
C GLU A 44 -1.09 2.03 12.48
N LYS A 45 -1.79 2.96 11.78
CA LYS A 45 -3.18 2.75 11.38
C LYS A 45 -3.22 1.90 10.13
N MET A 46 -4.09 0.91 10.16
CA MET A 46 -4.31 -0.01 9.05
C MET A 46 -5.47 0.49 8.17
N LYS A 47 -6.36 1.32 8.76
CA LYS A 47 -7.53 1.86 8.04
C LYS A 47 -7.09 2.76 6.88
N ASP A 48 -6.05 3.54 7.13
CA ASP A 48 -5.52 4.47 6.12
C ASP A 48 -4.96 3.68 4.93
N ARG A 49 -4.36 2.52 5.23
CA ARG A 49 -3.77 1.67 4.18
C ARG A 49 -4.86 1.13 3.23
N GLU A 50 -5.99 0.73 3.83
CA GLU A 50 -7.12 0.19 3.06
C GLU A 50 -7.68 1.29 2.14
N ALA A 51 -7.80 2.52 2.68
CA ALA A 51 -8.32 3.66 1.91
C ALA A 51 -7.46 3.89 0.65
N LEU A 52 -6.13 3.92 0.85
CA LEU A 52 -5.15 4.13 -0.25
C LEU A 52 -5.22 3.00 -1.26
N PHE A 53 -5.29 1.78 -0.74
CA PHE A 53 -5.37 0.58 -1.58
C PHE A 53 -6.61 0.66 -2.51
N ASN A 54 -7.76 1.00 -1.90
CA ASN A 54 -9.04 1.09 -2.66
C ASN A 54 -8.93 2.17 -3.76
N GLU A 55 -8.30 3.30 -3.38
CA GLU A 55 -8.09 4.44 -4.32
C GLU A 55 -7.06 4.08 -5.39
N PHE A 56 -6.01 3.37 -4.97
CA PHE A 56 -4.92 3.01 -5.89
C PHE A 56 -5.46 2.13 -7.03
N VAL A 57 -6.24 1.08 -6.67
CA VAL A 57 -6.81 0.15 -7.65
C VAL A 57 -7.81 0.89 -8.56
N ALA A 58 -8.67 1.73 -7.92
CA ALA A 58 -9.70 2.48 -8.66
C ALA A 58 -9.03 3.50 -9.62
N ALA A 59 -7.94 4.13 -9.14
CA ALA A 59 -7.19 5.13 -9.92
C ALA A 59 -6.35 4.44 -11.03
N ALA A 60 -5.67 3.32 -10.65
CA ALA A 60 -4.79 2.59 -11.60
C ALA A 60 -5.60 1.99 -12.74
N ARG A 61 -6.77 1.43 -12.38
CA ARG A 61 -7.66 0.83 -13.38
C ARG A 61 -8.27 1.90 -14.27
N ILE A 5 7.59 15.57 6.86
CA ILE A 5 7.90 16.00 5.47
C ILE A 5 7.19 15.01 4.50
N MET A 6 5.99 14.49 4.96
CA MET A 6 5.18 13.50 4.17
C MET A 6 6.11 12.38 3.61
N GLN A 7 7.29 12.19 4.29
CA GLN A 7 8.32 11.21 3.86
C GLN A 7 7.70 9.79 3.83
N ALA A 8 6.94 9.46 4.90
CA ALA A 8 6.28 8.13 5.01
C ALA A 8 5.30 7.92 3.82
N LYS A 9 4.41 8.95 3.58
CA LYS A 9 3.40 8.90 2.48
C LYS A 9 4.08 8.89 1.09
N GLU A 10 5.15 9.72 0.96
CA GLU A 10 5.90 9.84 -0.31
C GLU A 10 6.57 8.48 -0.63
N ASP A 11 7.09 7.82 0.41
CA ASP A 11 7.75 6.49 0.27
C ASP A 11 6.67 5.40 0.03
N PHE A 12 5.45 5.63 0.59
CA PHE A 12 4.33 4.66 0.46
C PHE A 12 3.78 4.58 -1.00
N LYS A 13 3.39 5.75 -1.57
CA LYS A 13 2.81 5.83 -2.94
C LYS A 13 3.82 5.32 -3.99
N LYS A 14 5.10 5.76 -3.82
CA LYS A 14 6.20 5.38 -4.74
C LYS A 14 6.38 3.88 -4.72
N MET A 15 6.30 3.28 -3.51
CA MET A 15 6.46 1.82 -3.37
C MET A 15 5.34 1.10 -4.16
N MET A 16 4.10 1.61 -4.04
CA MET A 16 2.90 1.01 -4.76
C MET A 16 3.06 1.08 -6.31
N GLU A 17 3.60 2.20 -6.83
CA GLU A 17 3.79 2.39 -8.31
C GLU A 17 4.81 1.39 -8.89
N GLU A 18 6.01 1.36 -8.28
CA GLU A 18 7.11 0.46 -8.73
C GLU A 18 6.82 -1.02 -8.36
N ALA A 19 5.89 -1.23 -7.39
CA ALA A 19 5.51 -2.61 -6.92
C ALA A 19 4.42 -3.18 -7.79
N LYS A 20 4.06 -2.43 -8.89
CA LYS A 20 2.91 -2.79 -9.79
C LYS A 20 2.64 -4.29 -9.68
N PHE A 21 1.43 -4.64 -9.19
CA PHE A 21 1.02 -6.03 -8.93
C PHE A 21 -0.38 -6.25 -9.46
N ASN A 22 -0.84 -7.52 -9.43
CA ASN A 22 -2.19 -7.91 -9.93
C ASN A 22 -3.29 -6.89 -9.37
N PRO A 23 -4.08 -6.15 -10.24
CA PRO A 23 -5.10 -5.12 -9.75
C PRO A 23 -6.31 -5.77 -9.04
N ARG A 24 -6.50 -7.10 -9.29
CA ARG A 24 -7.64 -7.88 -8.71
C ARG A 24 -7.25 -8.48 -7.34
N ALA A 25 -5.97 -8.31 -6.92
CA ALA A 25 -5.50 -8.79 -5.60
C ALA A 25 -6.15 -7.94 -4.52
N THR A 26 -6.28 -8.51 -3.32
CA THR A 26 -6.89 -7.83 -2.17
C THR A 26 -5.77 -7.27 -1.30
N PHE A 27 -6.15 -6.37 -0.40
CA PHE A 27 -5.23 -5.74 0.56
C PHE A 27 -4.57 -6.81 1.48
N SER A 28 -5.40 -7.75 1.97
CA SER A 28 -4.94 -8.83 2.89
C SER A 28 -3.83 -9.67 2.21
N GLU A 29 -4.02 -9.96 0.91
CA GLU A 29 -3.03 -10.73 0.13
C GLU A 29 -1.75 -9.87 -0.11
N PHE A 30 -1.94 -8.60 -0.53
CA PHE A 30 -0.81 -7.66 -0.80
C PHE A 30 -0.01 -7.36 0.50
N ALA A 31 -0.75 -7.09 1.59
CA ALA A 31 -0.15 -6.78 2.92
C ALA A 31 0.61 -7.99 3.46
N ALA A 32 0.05 -9.21 3.27
CA ALA A 32 0.67 -10.48 3.74
C ALA A 32 2.08 -10.63 3.10
N LYS A 33 2.21 -10.21 1.83
CA LYS A 33 3.51 -10.29 1.10
C LYS A 33 4.53 -9.22 1.65
N HIS A 34 4.05 -7.96 1.86
CA HIS A 34 4.92 -6.83 2.33
C HIS A 34 4.83 -6.68 3.86
N ALA A 35 4.06 -7.59 4.51
CA ALA A 35 3.83 -7.54 6.00
C ALA A 35 5.17 -7.46 6.75
N LYS A 36 6.19 -8.17 6.22
CA LYS A 36 7.54 -8.22 6.84
C LYS A 36 8.33 -6.94 6.50
N ASP A 37 7.84 -6.13 5.53
CA ASP A 37 8.52 -4.86 5.14
C ASP A 37 8.40 -3.88 6.35
N SER A 38 9.53 -3.21 6.70
CA SER A 38 9.56 -2.24 7.84
C SER A 38 8.63 -1.02 7.56
N ARG A 39 8.43 -0.74 6.26
CA ARG A 39 7.57 0.37 5.74
C ARG A 39 6.09 0.09 6.01
N PHE A 40 5.75 -1.21 6.08
CA PHE A 40 4.37 -1.63 6.35
C PHE A 40 4.01 -1.29 7.83
N LYS A 41 4.94 -1.67 8.76
CA LYS A 41 4.77 -1.49 10.23
C LYS A 41 4.97 -0.02 10.65
N ALA A 42 5.52 0.79 9.73
CA ALA A 42 5.77 2.23 9.95
C ALA A 42 4.42 2.96 10.12
N ILE A 43 3.39 2.51 9.36
CA ILE A 43 2.04 3.09 9.43
C ILE A 43 1.27 2.38 10.58
N GLU A 44 0.84 3.19 11.56
CA GLU A 44 0.11 2.72 12.75
C GLU A 44 -1.37 2.45 12.41
N LYS A 45 -1.99 3.42 11.67
CA LYS A 45 -3.41 3.34 11.27
C LYS A 45 -3.61 2.28 10.20
N MET A 46 -4.50 1.33 10.48
CA MET A 46 -4.82 0.26 9.56
C MET A 46 -5.82 0.76 8.47
N LYS A 47 -6.74 1.62 8.91
CA LYS A 47 -7.81 2.16 8.05
C LYS A 47 -7.23 2.99 6.88
N ASP A 48 -6.13 3.72 7.16
CA ASP A 48 -5.47 4.56 6.14
C ASP A 48 -4.89 3.67 5.02
N ARG A 49 -4.32 2.51 5.41
CA ARG A 49 -3.73 1.55 4.43
C ARG A 49 -4.82 0.98 3.52
N GLU A 50 -5.98 0.61 4.13
CA GLU A 50 -7.12 0.03 3.38
C GLU A 50 -7.68 1.11 2.42
N ALA A 51 -7.81 2.36 2.93
CA ALA A 51 -8.33 3.50 2.12
C ALA A 51 -7.45 3.73 0.85
N LEU A 52 -6.12 3.76 1.07
CA LEU A 52 -5.12 3.96 -0.02
C LEU A 52 -5.17 2.81 -1.03
N PHE A 53 -5.29 1.58 -0.51
CA PHE A 53 -5.34 0.37 -1.34
C PHE A 53 -6.57 0.44 -2.30
N ASN A 54 -7.73 0.82 -1.74
CA ASN A 54 -9.00 0.93 -2.52
C ASN A 54 -8.86 2.01 -3.63
N GLU A 55 -8.21 3.15 -3.24
CA GLU A 55 -7.96 4.29 -4.19
C GLU A 55 -6.94 3.88 -5.24
N PHE A 56 -5.89 3.13 -4.82
CA PHE A 56 -4.80 2.69 -5.72
C PHE A 56 -5.37 1.79 -6.86
N VAL A 57 -6.18 0.77 -6.48
CA VAL A 57 -6.81 -0.17 -7.46
C VAL A 57 -7.79 0.60 -8.38
N ALA A 58 -8.63 1.46 -7.75
CA ALA A 58 -9.63 2.26 -8.50
C ALA A 58 -8.93 3.27 -9.46
N ALA A 59 -7.84 3.90 -8.97
CA ALA A 59 -7.03 4.89 -9.76
C ALA A 59 -6.21 4.18 -10.87
N ALA A 60 -5.59 3.01 -10.51
CA ALA A 60 -4.73 2.22 -11.45
C ALA A 60 -5.56 1.66 -12.62
N ARG A 61 -6.78 1.16 -12.29
CA ARG A 61 -7.69 0.58 -13.33
C ARG A 61 -8.23 1.69 -14.23
#